data_1OTC
#
_entry.id   1OTC
#
_cell.length_a   94.500
_cell.length_b   94.500
_cell.length_c   426.200
_cell.angle_alpha   90.00
_cell.angle_beta   90.00
_cell.angle_gamma   120.00
#
_symmetry.space_group_name_H-M   'P 61 2 2'
#
loop_
_entity.id
_entity.type
_entity.pdbx_description
1 polymer "DNA (5'-D(*GP*GP*GP*GP*TP*TP*TP*TP*GP*GP*GP*G)-3')"
2 polymer 'PROTEIN (TELOMERE-BINDING PROTEIN ALPHA SUBUNIT)'
3 polymer 'PROTEIN (TELOMERE-BINDING PROTEIN BETA SUBUNIT)'
4 water water
#
loop_
_entity_poly.entity_id
_entity_poly.type
_entity_poly.pdbx_seq_one_letter_code
_entity_poly.pdbx_strand_id
1 'polydeoxyribonucleotide' (DG)(DG)(DG)(DG)(DT)(DT)(DT)(DT)(DG)(DG)(DG)(DG) D
2 'polypeptide(L)'
;MSTAAKQNRSTSRVSKKKTAAPKEGAAKKSDKGHKYEYVELAKASLTSAQPQHFYAVVIDATFPYKTNQERYICSLKIVD
PTLYLKQQKGAGDASDYATLVLYAKRFEDLPIIHRAGDIIRVHRATLRLYNGQRQFNANVFYSSSWALFSTDKRSVTQEI
NNQDAVSDTTPFSFSSKHATIEKNEISILQNLRKWANQYFSSYSVISSDMYTALNKAQAQKGDFDVVAKILQVHELDEYT
NELKLKDASGQVFYTLSLKLKFPHVRTGEVVRIRSATYDETSTQKKVLILSHYSNIITFIQSSKLAKELRAKIQDDHSVE
VASLKKNVSLNAVVLTEVDKKHAALPSTSLQDLFHHADSDKELQAQDTFRTQFYVTKIEPSDVKEWVKGYDRKTKKSSSL
KGASGKGDNIFQVQFLVKDASTQLNNNTYRVLLYTQDGLGANFFNVKADNLHKNADARKKLEDSAELLTKFNSYVDAVVE
RRNGFYLIKDTKLIY
;
A
3 'polypeptide(L)'
;MSKGASAPQQQSAFKQLYTELFNNEGDFSKVSSNLKKPLKCYVKESYPHFLVTDGYFFVAPYFTKEAVNEFHAKFPNVNI
VDLTDKVIVINNWSLELRRVNSAEVFTSYANLEARLIVHSFKPNLQERLNPTRYPVNLFRDDEFKTTIQHFRHTALQAAI
NKTVKGDNLVDISKVADAAGKKGKVDAGIVKASASKGDEFSDFSFKEGNTATLKIADIFVQEKGKDALNKAADHTDGAKV
KGGAKGKGKAAAKAAKGKKL
;
B
#
loop_
_chem_comp.id
_chem_comp.type
_chem_comp.name
_chem_comp.formula
DG DNA linking 2'-DEOXYGUANOSINE-5'-MONOPHOSPHATE 'C10 H14 N5 O7 P'
DT DNA linking THYMIDINE-5'-MONOPHOSPHATE 'C10 H15 N2 O8 P'
#
# COMPACT_ATOMS: atom_id res chain seq x y z
N GLU B 37 19.97 38.90 -3.08
CA GLU B 37 18.91 39.94 -3.01
C GLU B 37 17.54 39.25 -2.97
N TYR B 38 17.14 38.81 -1.77
CA TYR B 38 15.86 38.12 -1.58
C TYR B 38 14.67 39.02 -1.30
N VAL B 39 13.65 38.88 -2.14
CA VAL B 39 12.41 39.64 -2.05
C VAL B 39 11.37 38.88 -1.23
N GLU B 40 10.38 39.59 -0.73
CA GLU B 40 9.30 38.98 0.05
C GLU B 40 8.08 38.82 -0.86
N LEU B 41 7.41 37.69 -0.75
CA LEU B 41 6.25 37.35 -1.58
C LEU B 41 5.22 38.46 -1.84
N ALA B 42 4.80 39.16 -0.80
CA ALA B 42 3.82 40.24 -0.94
C ALA B 42 4.40 41.52 -1.53
N LYS B 43 5.70 41.71 -1.35
CA LYS B 43 6.39 42.91 -1.86
C LYS B 43 7.10 42.71 -3.19
N ALA B 44 6.89 41.55 -3.81
CA ALA B 44 7.52 41.25 -5.10
C ALA B 44 6.89 42.06 -6.23
N SER B 45 7.74 42.62 -7.09
CA SER B 45 7.28 43.44 -8.20
C SER B 45 6.52 42.64 -9.26
N LEU B 46 5.29 43.10 -9.55
CA LEU B 46 4.43 42.45 -10.54
C LEU B 46 4.69 42.94 -11.96
N THR B 47 5.58 43.93 -12.11
CA THR B 47 5.89 44.48 -13.42
C THR B 47 7.34 44.30 -13.89
N SER B 48 8.30 44.50 -12.99
CA SER B 48 9.71 44.37 -13.35
C SER B 48 10.03 43.01 -13.97
N ALA B 49 10.51 43.04 -15.20
CA ALA B 49 10.87 41.83 -15.94
C ALA B 49 12.09 41.14 -15.36
N GLN B 50 12.75 41.79 -14.40
CA GLN B 50 13.93 41.25 -13.74
C GLN B 50 13.54 40.10 -12.82
N PRO B 51 14.13 38.91 -13.04
CA PRO B 51 13.85 37.71 -12.22
C PRO B 51 14.08 37.99 -10.74
N GLN B 52 13.19 37.47 -9.90
CA GLN B 52 13.29 37.69 -8.46
C GLN B 52 13.60 36.43 -7.66
N HIS B 53 14.27 36.61 -6.52
CA HIS B 53 14.66 35.51 -5.65
C HIS B 53 13.93 35.65 -4.31
N PHE B 54 13.72 34.52 -3.64
CA PHE B 54 13.03 34.54 -2.35
C PHE B 54 13.16 33.27 -1.53
N TYR B 55 12.73 33.37 -0.28
CA TYR B 55 12.71 32.26 0.68
C TYR B 55 11.25 32.12 1.06
N ALA B 56 10.78 30.89 1.24
CA ALA B 56 9.37 30.67 1.59
C ALA B 56 9.12 29.35 2.31
N VAL B 57 7.94 29.25 2.90
CA VAL B 57 7.51 28.05 3.62
C VAL B 57 6.48 27.31 2.77
N VAL B 58 6.72 26.02 2.56
CA VAL B 58 5.82 25.19 1.76
C VAL B 58 4.69 24.62 2.62
N ILE B 59 3.45 24.86 2.19
CA ILE B 59 2.29 24.37 2.93
C ILE B 59 1.53 23.30 2.15
N ASP B 60 1.77 23.24 0.84
CA ASP B 60 1.13 22.26 -0.02
C ASP B 60 1.96 22.09 -1.29
N ALA B 61 1.89 20.90 -1.89
CA ALA B 61 2.65 20.62 -3.10
C ALA B 61 2.25 19.30 -3.73
N THR B 62 2.25 19.27 -5.06
CA THR B 62 1.94 18.06 -5.81
C THR B 62 3.23 17.28 -5.97
N PHE B 63 3.11 16.02 -6.38
CA PHE B 63 4.27 15.19 -6.60
C PHE B 63 4.74 15.50 -8.02
N PRO B 64 6.05 15.61 -8.23
CA PRO B 64 6.57 15.91 -9.58
C PRO B 64 6.00 14.92 -10.60
N TYR B 65 5.26 15.44 -11.57
CA TYR B 65 4.64 14.59 -12.59
C TYR B 65 5.04 14.98 -14.01
N LYS B 66 4.81 14.06 -14.94
CA LYS B 66 5.16 14.28 -16.34
C LYS B 66 3.96 14.62 -17.22
N THR B 67 4.21 15.51 -18.17
CA THR B 67 3.21 15.96 -19.14
C THR B 67 3.79 15.55 -20.50
N ASN B 68 2.93 15.39 -21.51
CA ASN B 68 3.41 15.01 -22.84
C ASN B 68 4.39 16.05 -23.41
N GLN B 69 4.42 17.21 -22.76
CA GLN B 69 5.31 18.32 -23.15
C GLN B 69 6.76 17.93 -22.97
N GLU B 70 6.99 16.75 -22.41
CA GLU B 70 8.33 16.24 -22.11
C GLU B 70 8.89 17.12 -21.00
N ARG B 71 7.96 17.79 -20.32
CA ARG B 71 8.24 18.69 -19.21
C ARG B 71 7.70 18.06 -17.95
N TYR B 72 8.41 18.26 -16.85
CA TYR B 72 8.00 17.76 -15.55
C TYR B 72 7.58 18.97 -14.73
N ILE B 73 6.33 18.97 -14.30
CA ILE B 73 5.80 20.07 -13.51
C ILE B 73 5.61 19.73 -12.04
N CYS B 74 5.86 20.72 -11.19
CA CYS B 74 5.72 20.58 -9.75
C CYS B 74 5.11 21.87 -9.22
N SER B 75 3.89 21.77 -8.68
CA SER B 75 3.19 22.93 -8.15
C SER B 75 3.08 22.90 -6.63
N LEU B 76 3.45 24.01 -5.99
CA LEU B 76 3.38 24.14 -4.55
C LEU B 76 2.84 25.49 -4.09
N LYS B 77 2.27 25.50 -2.89
CA LYS B 77 1.70 26.70 -2.30
C LYS B 77 2.69 27.23 -1.26
N ILE B 78 3.29 28.37 -1.56
CA ILE B 78 4.27 28.99 -0.67
C ILE B 78 3.72 30.15 0.17
N VAL B 79 4.33 30.35 1.34
CA VAL B 79 3.91 31.38 2.28
C VAL B 79 5.11 31.99 3.03
N ASP B 80 4.99 33.26 3.39
CA ASP B 80 6.04 33.97 4.13
C ASP B 80 5.40 35.02 5.06
N PRO B 81 6.18 35.63 5.97
CA PRO B 81 5.70 36.64 6.92
C PRO B 81 4.88 37.82 6.36
N THR B 82 4.79 37.94 5.05
CA THR B 82 4.03 39.05 4.44
C THR B 82 2.73 38.60 3.77
N LEU B 83 2.66 37.32 3.42
CA LEU B 83 1.47 36.76 2.78
C LEU B 83 1.15 35.39 3.37
N TYR B 84 0.11 35.33 4.20
CA TYR B 84 -0.28 34.07 4.82
C TYR B 84 -1.76 33.89 5.16
N LEU B 85 -2.47 34.97 5.45
CA LEU B 85 -3.89 34.90 5.77
C LEU B 85 -4.72 35.69 4.76
N LYS B 86 -5.99 35.32 4.61
CA LYS B 86 -6.92 35.94 3.65
C LYS B 86 -6.87 37.46 3.44
N GLN B 87 -6.23 38.18 4.36
CA GLN B 87 -6.10 39.64 4.25
C GLN B 87 -7.43 40.36 4.45
N GLN B 88 -8.47 39.62 4.86
CA GLN B 88 -9.78 40.20 5.11
C GLN B 88 -9.91 40.41 6.61
N LYS B 89 -9.47 39.42 7.37
CA LYS B 89 -9.49 39.44 8.84
C LYS B 89 -8.98 38.12 9.40
N GLY B 90 -8.84 38.06 10.72
CA GLY B 90 -8.38 36.85 11.39
C GLY B 90 -9.40 35.72 11.30
N ALA B 91 -10.67 36.09 11.16
CA ALA B 91 -11.76 35.10 11.06
C ALA B 91 -11.49 34.23 9.84
N GLY B 92 -10.87 34.82 8.82
CA GLY B 92 -10.54 34.10 7.62
C GLY B 92 -9.28 33.28 7.86
N ASP B 93 -9.39 32.25 8.69
CA ASP B 93 -8.27 31.35 9.01
C ASP B 93 -7.73 30.84 7.70
N ALA B 94 -8.60 30.84 6.68
CA ALA B 94 -8.25 30.40 5.33
C ALA B 94 -6.96 31.09 4.91
N SER B 95 -5.87 30.32 4.94
CA SER B 95 -4.56 30.84 4.60
C SER B 95 -4.42 31.32 3.16
N ASP B 96 -4.08 32.59 3.00
CA ASP B 96 -3.85 33.17 1.68
C ASP B 96 -2.44 32.74 1.32
N TYR B 97 -2.19 32.46 0.04
CA TYR B 97 -0.88 32.00 -0.37
C TYR B 97 -0.51 32.39 -1.80
N ALA B 98 0.75 32.15 -2.12
CA ALA B 98 1.29 32.41 -3.44
C ALA B 98 1.55 31.03 -4.05
N THR B 99 1.38 30.88 -5.35
CA THR B 99 1.58 29.60 -6.01
C THR B 99 2.86 29.54 -6.85
N LEU B 100 3.73 28.59 -6.51
CA LEU B 100 4.99 28.39 -7.21
C LEU B 100 4.90 27.20 -8.17
N VAL B 101 5.24 27.43 -9.43
CA VAL B 101 5.19 26.38 -10.45
C VAL B 101 6.59 26.17 -11.04
N LEU B 102 7.11 24.96 -10.86
CA LEU B 102 8.43 24.61 -11.36
C LEU B 102 8.36 23.74 -12.62
N TYR B 103 9.19 24.08 -13.61
CA TYR B 103 9.24 23.34 -14.88
C TYR B 103 10.62 22.74 -15.09
N ALA B 104 10.66 21.50 -15.57
CA ALA B 104 11.91 20.79 -15.81
C ALA B 104 11.80 19.76 -16.93
N LYS B 105 12.94 19.34 -17.45
CA LYS B 105 12.98 18.34 -18.52
C LYS B 105 13.25 16.96 -17.92
N ARG B 106 13.62 16.93 -16.65
CA ARG B 106 13.92 15.69 -15.94
C ARG B 106 13.24 15.64 -14.57
N PHE B 107 12.82 14.44 -14.18
CA PHE B 107 12.15 14.21 -12.90
C PHE B 107 13.03 14.57 -11.70
N GLU B 108 14.32 14.29 -11.82
CA GLU B 108 15.29 14.54 -10.75
C GLU B 108 15.54 16.01 -10.42
N ASP B 109 15.12 16.91 -11.31
CA ASP B 109 15.32 18.34 -11.09
C ASP B 109 14.25 19.03 -10.26
N LEU B 110 13.17 18.30 -9.96
CA LEU B 110 12.08 18.85 -9.16
C LEU B 110 12.13 18.37 -7.72
N PRO B 111 11.67 19.20 -6.78
CA PRO B 111 11.66 18.85 -5.35
C PRO B 111 10.52 17.93 -4.94
N ILE B 112 10.82 16.97 -4.07
CA ILE B 112 9.82 16.04 -3.57
C ILE B 112 9.41 16.51 -2.18
N ILE B 113 8.24 17.12 -2.10
CA ILE B 113 7.73 17.63 -0.83
C ILE B 113 6.96 16.58 -0.03
N HIS B 114 7.62 16.07 1.00
CA HIS B 114 7.03 15.07 1.89
C HIS B 114 6.38 15.77 3.07
N ARG B 115 7.00 16.86 3.52
CA ARG B 115 6.50 17.63 4.66
C ARG B 115 6.07 19.04 4.34
N ALA B 116 5.15 19.55 5.15
CA ALA B 116 4.65 20.91 5.03
C ALA B 116 5.30 21.67 6.18
N GLY B 117 5.77 22.87 5.91
CA GLY B 117 6.42 23.66 6.95
C GLY B 117 7.88 23.88 6.61
N ASP B 118 8.43 23.01 5.77
CA ASP B 118 9.82 23.13 5.33
C ASP B 118 10.00 24.36 4.47
N ILE B 119 11.24 24.81 4.35
CA ILE B 119 11.57 26.00 3.58
C ILE B 119 12.18 25.73 2.21
N ILE B 120 11.70 26.47 1.21
CA ILE B 120 12.20 26.36 -0.15
C ILE B 120 12.85 27.69 -0.51
N ARG B 121 13.92 27.64 -1.31
CA ARG B 121 14.65 28.82 -1.71
C ARG B 121 14.76 28.86 -3.24
N VAL B 122 14.03 29.78 -3.86
CA VAL B 122 14.03 29.90 -5.31
C VAL B 122 14.92 31.03 -5.84
N HIS B 123 15.60 30.74 -6.95
CA HIS B 123 16.47 31.70 -7.61
C HIS B 123 15.98 31.93 -9.04
N ARG B 124 15.97 33.19 -9.47
CA ARG B 124 15.54 33.56 -10.81
C ARG B 124 14.11 33.14 -11.14
N ALA B 125 13.16 33.62 -10.34
CA ALA B 125 11.76 33.30 -10.53
C ALA B 125 11.00 34.50 -11.08
N THR B 126 10.23 34.28 -12.14
CA THR B 126 9.44 35.34 -12.77
C THR B 126 8.05 35.36 -12.15
N LEU B 127 7.56 36.55 -11.81
CA LEU B 127 6.24 36.69 -11.20
C LEU B 127 5.15 37.07 -12.21
N ARG B 128 4.00 36.43 -12.06
CA ARG B 128 2.84 36.66 -12.92
C ARG B 128 1.56 36.62 -12.08
N LEU B 129 0.49 37.20 -12.62
CA LEU B 129 -0.80 37.23 -11.93
C LEU B 129 -1.75 36.27 -12.65
N TYR B 130 -2.12 35.19 -11.98
CA TYR B 130 -3.01 34.18 -12.55
C TYR B 130 -4.29 34.03 -11.75
N ASN B 131 -5.40 34.49 -12.34
CA ASN B 131 -6.73 34.42 -11.72
C ASN B 131 -6.81 34.93 -10.27
N GLY B 132 -6.31 36.13 -10.05
CA GLY B 132 -6.37 36.72 -8.71
C GLY B 132 -5.20 36.44 -7.78
N GLN B 133 -4.46 35.37 -8.03
CA GLN B 133 -3.34 35.02 -7.16
C GLN B 133 -1.96 35.28 -7.76
N ARG B 134 -0.98 35.50 -6.89
CA ARG B 134 0.40 35.77 -7.29
C ARG B 134 1.10 34.46 -7.61
N GLN B 135 1.40 34.24 -8.89
CA GLN B 135 2.04 33.02 -9.35
C GLN B 135 3.51 33.19 -9.78
N PHE B 136 4.40 32.53 -9.07
CA PHE B 136 5.83 32.57 -9.39
C PHE B 136 6.16 31.37 -10.27
N ASN B 137 6.77 31.64 -11.43
CA ASN B 137 7.14 30.57 -12.36
C ASN B 137 8.65 30.40 -12.41
N ALA B 138 9.11 29.17 -12.62
CA ALA B 138 10.54 28.88 -12.69
C ALA B 138 10.89 27.72 -13.62
N ASN B 139 11.84 28.00 -14.51
CA ASN B 139 12.33 27.00 -15.47
C ASN B 139 13.71 26.56 -14.99
N VAL B 140 13.76 25.45 -14.26
CA VAL B 140 15.02 24.94 -13.72
C VAL B 140 15.99 24.42 -14.78
N PHE B 141 15.56 24.38 -16.03
CA PHE B 141 16.41 23.93 -17.13
C PHE B 141 17.19 25.11 -17.70
N TYR B 142 16.55 26.27 -17.73
CA TYR B 142 17.17 27.48 -18.25
C TYR B 142 18.08 28.17 -17.23
N SER B 143 17.49 28.80 -16.21
CA SER B 143 18.27 29.52 -15.22
C SER B 143 17.86 29.31 -13.76
N SER B 144 16.60 28.97 -13.54
CA SER B 144 16.09 28.78 -12.19
C SER B 144 16.69 27.62 -11.39
N SER B 145 16.70 27.78 -10.07
CA SER B 145 17.23 26.77 -9.16
C SER B 145 16.52 26.89 -7.82
N TRP B 146 16.49 25.79 -7.07
CA TRP B 146 15.84 25.76 -5.77
C TRP B 146 16.65 24.97 -4.74
N ALA B 147 16.36 25.20 -3.46
CA ALA B 147 17.04 24.52 -2.36
C ALA B 147 16.08 24.33 -1.19
N LEU B 148 15.94 23.09 -0.74
CA LEU B 148 15.05 22.77 0.37
C LEU B 148 15.77 22.70 1.71
N PHE B 149 15.29 23.52 2.65
CA PHE B 149 15.86 23.57 4.00
C PHE B 149 14.84 23.01 4.98
N SER B 150 15.32 22.24 5.96
CA SER B 150 14.47 21.64 6.96
C SER B 150 14.15 22.60 8.11
N THR B 151 12.88 22.68 8.47
CA THR B 151 12.44 23.54 9.56
C THR B 151 12.65 22.84 10.90
N ASP B 152 12.58 21.51 10.87
CA ASP B 152 12.80 20.69 12.07
C ASP B 152 14.26 20.24 12.10
N LYS B 153 14.66 19.63 13.22
CA LYS B 153 16.03 19.15 13.39
C LYS B 153 16.47 18.28 12.21
N ARG B 154 15.64 17.28 11.89
CA ARG B 154 15.92 16.37 10.78
C ARG B 154 14.80 16.45 9.76
N SER B 155 15.15 16.28 8.48
CA SER B 155 14.18 16.30 7.40
C SER B 155 13.55 14.91 7.36
N VAL B 156 12.46 14.76 6.61
CA VAL B 156 11.76 13.47 6.50
C VAL B 156 12.68 12.32 6.08
N THR B 157 13.50 12.56 5.06
CA THR B 157 14.41 11.54 4.55
C THR B 157 15.47 11.14 5.58
N GLN B 158 16.18 12.11 6.12
CA GLN B 158 17.22 11.85 7.13
C GLN B 158 16.62 11.59 8.51
N GLU B 159 15.33 11.24 8.53
CA GLU B 159 14.60 10.93 9.75
C GLU B 159 14.24 9.45 9.70
N ILE B 160 14.01 8.96 8.48
CA ILE B 160 13.67 7.55 8.25
C ILE B 160 14.95 6.71 8.35
N ASN B 161 16.01 7.20 7.73
CA ASN B 161 17.31 6.51 7.72
C ASN B 161 18.02 6.61 9.07
N ASN B 162 17.35 7.20 10.06
CA ASN B 162 17.90 7.39 11.40
C ASN B 162 19.22 8.15 11.37
N GLN B 163 19.34 9.06 10.39
CA GLN B 163 20.55 9.87 10.23
C GLN B 163 20.59 11.02 11.20
N ASP B 164 21.80 11.40 11.60
CA ASP B 164 22.00 12.51 12.52
C ASP B 164 22.57 13.70 11.74
N ALA B 165 21.86 14.82 11.77
CA ALA B 165 22.28 16.01 11.06
C ALA B 165 22.08 17.26 11.90
N VAL B 166 23.19 17.80 12.43
CA VAL B 166 23.15 18.99 13.26
C VAL B 166 23.67 20.20 12.47
N SER B 167 23.72 20.06 11.15
CA SER B 167 24.16 21.13 10.26
C SER B 167 22.91 21.89 9.82
N ASP B 168 22.60 22.95 10.58
CA ASP B 168 21.42 23.77 10.33
C ASP B 168 21.43 24.72 9.15
N THR B 169 22.59 24.89 8.51
CA THR B 169 22.67 25.82 7.37
C THR B 169 22.74 25.14 6.00
N THR B 170 22.81 23.81 5.98
CA THR B 170 22.88 23.07 4.73
C THR B 170 21.52 22.51 4.29
N PRO B 171 21.17 22.69 3.00
CA PRO B 171 19.91 22.20 2.44
C PRO B 171 19.96 20.69 2.20
N PHE B 172 18.89 19.98 2.53
CA PHE B 172 18.85 18.54 2.34
C PHE B 172 18.59 18.11 0.90
N SER B 173 18.21 19.06 0.05
CA SER B 173 17.94 18.78 -1.36
C SER B 173 17.96 20.06 -2.19
N PHE B 174 18.70 20.02 -3.31
CA PHE B 174 18.79 21.17 -4.21
C PHE B 174 18.80 20.78 -5.69
N SER B 175 18.29 21.70 -6.51
CA SER B 175 18.17 21.52 -7.96
C SER B 175 19.38 21.05 -8.77
N SER B 176 20.45 21.86 -8.79
CA SER B 176 21.63 21.51 -9.57
C SER B 176 22.78 20.85 -8.80
N LYS B 177 23.94 20.79 -9.44
CA LYS B 177 25.15 20.18 -8.88
C LYS B 177 25.81 20.93 -7.73
N HIS B 178 25.54 22.22 -7.60
CA HIS B 178 26.14 23.01 -6.52
C HIS B 178 25.16 23.98 -5.86
N ALA B 179 25.33 24.19 -4.56
CA ALA B 179 24.49 25.08 -3.78
C ALA B 179 25.36 25.99 -2.92
N THR B 180 25.23 27.30 -3.12
CA THR B 180 26.01 28.29 -2.36
C THR B 180 25.13 29.01 -1.35
N ILE B 181 25.70 29.26 -0.16
CA ILE B 181 24.96 29.94 0.91
C ILE B 181 25.85 30.96 1.64
N GLU B 182 25.56 32.25 1.44
CA GLU B 182 26.32 33.32 2.09
C GLU B 182 25.89 33.49 3.54
N LYS B 183 26.79 34.06 4.35
CA LYS B 183 26.53 34.29 5.77
C LYS B 183 25.34 35.23 6.01
N ASN B 184 24.97 35.98 4.99
CA ASN B 184 23.85 36.93 5.09
C ASN B 184 22.50 36.21 5.07
N GLU B 185 22.43 35.11 4.34
CA GLU B 185 21.20 34.32 4.23
C GLU B 185 20.83 33.65 5.54
N ILE B 186 21.85 33.32 6.34
CA ILE B 186 21.66 32.66 7.62
C ILE B 186 20.60 33.32 8.51
N SER B 187 20.65 34.64 8.59
CA SER B 187 19.68 35.40 9.39
C SER B 187 18.27 35.19 8.86
N ILE B 188 18.12 35.22 7.53
CA ILE B 188 16.82 35.02 6.89
C ILE B 188 16.28 33.62 7.17
N LEU B 189 17.13 32.61 6.94
CA LEU B 189 16.77 31.22 7.16
C LEU B 189 16.33 30.89 8.58
N GLN B 190 17.15 31.26 9.56
CA GLN B 190 16.85 30.99 10.96
C GLN B 190 15.66 31.77 11.51
N ASN B 191 15.35 32.90 10.89
CA ASN B 191 14.21 33.72 11.31
C ASN B 191 12.94 33.21 10.65
N LEU B 192 13.08 32.71 9.43
CA LEU B 192 11.95 32.16 8.68
C LEU B 192 11.48 30.87 9.35
N ARG B 193 12.41 30.19 10.01
CA ARG B 193 12.11 28.95 10.73
C ARG B 193 11.29 29.29 11.97
N LYS B 194 11.75 30.31 12.71
CA LYS B 194 11.06 30.76 13.92
C LYS B 194 9.63 31.13 13.58
N TRP B 195 9.46 31.82 12.45
CA TRP B 195 8.15 32.23 11.99
C TRP B 195 7.30 31.03 11.61
N ALA B 196 7.90 30.07 10.90
CA ALA B 196 7.20 28.87 10.47
C ALA B 196 6.67 28.08 11.66
N ASN B 197 7.52 27.91 12.68
CA ASN B 197 7.15 27.18 13.89
C ASN B 197 6.02 27.89 14.64
N GLN B 198 6.04 29.22 14.61
CA GLN B 198 5.02 30.02 15.28
C GLN B 198 3.73 30.06 14.46
N TYR B 199 3.89 30.07 13.14
CA TYR B 199 2.75 30.10 12.21
C TYR B 199 1.96 28.80 12.31
N PHE B 200 2.66 27.67 12.27
CA PHE B 200 2.04 26.36 12.35
C PHE B 200 1.49 26.00 13.74
N SER B 201 2.08 26.56 14.78
CA SER B 201 1.65 26.29 16.15
C SER B 201 0.48 27.14 16.61
N SER B 202 0.29 28.31 15.99
CA SER B 202 -0.81 29.20 16.36
C SER B 202 -1.95 29.20 15.35
N TYR B 203 -1.69 28.65 14.16
CA TYR B 203 -2.69 28.58 13.11
C TYR B 203 -2.76 27.21 12.46
N SER B 204 -3.96 26.85 12.01
CA SER B 204 -4.17 25.59 11.31
C SER B 204 -3.97 25.97 9.85
N VAL B 205 -2.72 25.90 9.40
CA VAL B 205 -2.33 26.27 8.04
C VAL B 205 -3.27 25.75 6.95
N ILE B 206 -3.56 24.45 6.97
CA ILE B 206 -4.47 23.87 6.01
C ILE B 206 -5.88 24.13 6.50
N SER B 207 -6.41 25.28 6.13
CA SER B 207 -7.75 25.71 6.52
C SER B 207 -8.87 24.82 5.98
N SER B 208 -10.07 25.00 6.54
CA SER B 208 -11.26 24.23 6.18
C SER B 208 -11.59 24.20 4.69
N ASP B 209 -11.34 25.31 4.01
CA ASP B 209 -11.63 25.43 2.57
C ASP B 209 -10.70 24.67 1.63
N MET B 210 -9.55 24.25 2.11
CA MET B 210 -8.60 23.53 1.25
C MET B 210 -8.61 22.00 1.35
N TYR B 211 -9.73 21.45 1.81
CA TYR B 211 -9.91 20.00 1.93
C TYR B 211 -11.38 19.64 2.15
N THR B 212 -11.74 18.40 1.80
CA THR B 212 -13.11 17.91 1.93
C THR B 212 -13.23 16.77 2.95
N ALA B 213 -14.28 16.83 3.76
CA ALA B 213 -14.54 15.81 4.76
C ALA B 213 -14.90 14.51 4.04
N LEU B 214 -14.46 13.38 4.59
CA LEU B 214 -14.70 12.08 3.97
C LEU B 214 -16.16 11.67 3.78
N ASN B 215 -17.06 12.18 4.63
CA ASN B 215 -18.47 11.84 4.50
C ASN B 215 -19.13 12.59 3.33
N LYS B 216 -18.36 13.48 2.71
CA LYS B 216 -18.82 14.27 1.56
C LYS B 216 -18.13 13.79 0.28
N ALA B 217 -17.26 12.80 0.41
CA ALA B 217 -16.50 12.23 -0.71
C ALA B 217 -17.30 11.87 -1.96
N GLN B 218 -18.39 11.14 -1.79
CA GLN B 218 -19.21 10.72 -2.92
C GLN B 218 -20.07 11.83 -3.52
N ALA B 219 -20.03 13.01 -2.92
CA ALA B 219 -20.79 14.16 -3.41
C ALA B 219 -19.96 15.08 -4.30
N GLN B 220 -18.65 14.87 -4.31
CA GLN B 220 -17.74 15.67 -5.13
C GLN B 220 -17.74 15.20 -6.58
N LYS B 221 -17.80 16.15 -7.51
CA LYS B 221 -17.80 15.85 -8.94
C LYS B 221 -16.50 15.14 -9.32
N GLY B 222 -15.44 15.44 -8.58
CA GLY B 222 -14.16 14.83 -8.85
C GLY B 222 -13.13 15.12 -7.77
N ASP B 223 -11.97 15.58 -8.24
CA ASP B 223 -10.82 15.92 -7.41
C ASP B 223 -11.14 16.63 -6.09
N PHE B 224 -10.55 16.12 -5.01
CA PHE B 224 -10.72 16.70 -3.67
C PHE B 224 -9.56 16.33 -2.76
N ASP B 225 -9.33 17.16 -1.74
CA ASP B 225 -8.24 16.94 -0.79
C ASP B 225 -8.78 16.38 0.53
N VAL B 226 -7.91 15.75 1.31
CA VAL B 226 -8.29 15.18 2.60
C VAL B 226 -7.19 15.21 3.65
N VAL B 227 -7.56 15.63 4.85
CA VAL B 227 -6.64 15.70 5.98
C VAL B 227 -7.10 14.63 6.97
N ALA B 228 -6.37 13.52 7.01
CA ALA B 228 -6.73 12.40 7.88
C ALA B 228 -5.56 11.86 8.70
N LYS B 229 -5.86 10.87 9.53
CA LYS B 229 -4.87 10.23 10.39
C LYS B 229 -4.68 8.78 9.95
N ILE B 230 -3.43 8.37 9.80
CA ILE B 230 -3.12 7.01 9.39
C ILE B 230 -3.42 6.05 10.54
N LEU B 231 -4.56 5.39 10.46
CA LEU B 231 -4.99 4.44 11.48
C LEU B 231 -4.26 3.11 11.38
N GLN B 232 -3.89 2.72 10.16
CA GLN B 232 -3.21 1.44 9.94
C GLN B 232 -2.54 1.36 8.57
N VAL B 233 -1.30 0.88 8.55
CA VAL B 233 -0.55 0.71 7.32
C VAL B 233 -0.43 -0.80 7.08
N HIS B 234 -1.04 -1.27 5.99
CA HIS B 234 -1.01 -2.68 5.66
C HIS B 234 -0.16 -2.96 4.42
N GLU B 235 0.81 -3.85 4.55
CA GLU B 235 1.67 -4.22 3.45
C GLU B 235 0.93 -5.21 2.57
N LEU B 236 0.21 -4.68 1.58
CA LEU B 236 -0.57 -5.49 0.65
C LEU B 236 0.33 -6.42 -0.15
N ASP B 237 1.37 -5.86 -0.77
CA ASP B 237 2.33 -6.64 -1.54
C ASP B 237 3.71 -6.01 -1.53
N GLU B 238 4.57 -6.45 -2.45
CA GLU B 238 5.93 -5.97 -2.56
C GLU B 238 6.09 -4.47 -2.76
N TYR B 239 5.27 -3.89 -3.64
CA TYR B 239 5.37 -2.46 -3.95
C TYR B 239 4.36 -1.52 -3.32
N THR B 240 3.19 -2.02 -2.93
CA THR B 240 2.17 -1.14 -2.37
C THR B 240 1.67 -1.40 -0.95
N ASN B 241 1.40 -0.30 -0.25
CA ASN B 241 0.87 -0.32 1.11
C ASN B 241 -0.61 0.07 1.00
N GLU B 242 -1.35 -0.13 2.08
CA GLU B 242 -2.76 0.24 2.10
C GLU B 242 -3.02 1.01 3.38
N LEU B 243 -3.38 2.28 3.22
CA LEU B 243 -3.64 3.15 4.36
C LEU B 243 -5.10 3.18 4.78
N LYS B 244 -5.32 2.98 6.08
CA LYS B 244 -6.66 3.02 6.65
C LYS B 244 -6.79 4.43 7.21
N LEU B 245 -7.49 5.29 6.49
CA LEU B 245 -7.65 6.69 6.87
C LEU B 245 -8.93 6.98 7.65
N LYS B 246 -8.90 8.05 8.42
CA LYS B 246 -10.05 8.50 9.21
C LYS B 246 -9.84 9.95 9.62
N ASP B 247 -10.83 10.79 9.31
CA ASP B 247 -10.78 12.20 9.64
C ASP B 247 -11.82 12.58 10.69
N ALA B 248 -11.96 13.87 10.95
CA ALA B 248 -12.91 14.37 11.94
C ALA B 248 -14.36 14.05 11.61
N SER B 249 -14.66 13.80 10.34
CA SER B 249 -16.02 13.47 9.90
C SER B 249 -16.47 12.12 10.47
N GLY B 250 -15.49 11.29 10.84
CA GLY B 250 -15.80 9.98 11.40
C GLY B 250 -15.73 8.84 10.40
N GLN B 251 -15.68 9.17 9.11
CA GLN B 251 -15.62 8.17 8.06
C GLN B 251 -14.27 7.49 7.91
N VAL B 252 -14.31 6.23 7.50
CA VAL B 252 -13.09 5.43 7.31
C VAL B 252 -12.94 5.04 5.84
N PHE B 253 -11.85 5.50 5.23
CA PHE B 253 -11.53 5.20 3.83
C PHE B 253 -10.21 4.46 3.72
N TYR B 254 -10.02 3.78 2.59
CA TYR B 254 -8.79 3.04 2.32
C TYR B 254 -8.19 3.59 1.03
N THR B 255 -6.86 3.55 0.94
CA THR B 255 -6.17 4.04 -0.25
C THR B 255 -4.84 3.33 -0.46
N LEU B 256 -4.52 3.04 -1.72
CA LEU B 256 -3.28 2.38 -2.06
C LEU B 256 -2.13 3.37 -2.21
N SER B 257 -1.11 3.20 -1.39
CA SER B 257 0.06 4.07 -1.41
C SER B 257 1.30 3.24 -1.75
N LEU B 258 2.02 3.66 -2.78
CA LEU B 258 3.24 2.96 -3.19
C LEU B 258 4.33 3.13 -2.13
N LYS B 259 5.19 2.14 -2.01
CA LYS B 259 6.27 2.17 -1.03
C LYS B 259 7.39 3.14 -1.37
N LEU B 260 7.88 3.06 -2.61
CA LEU B 260 8.96 3.93 -3.06
C LEU B 260 8.55 5.40 -3.11
N LYS B 261 7.34 5.66 -3.58
CA LYS B 261 6.83 7.02 -3.69
C LYS B 261 6.57 7.66 -2.32
N PHE B 262 5.87 6.94 -1.44
CA PHE B 262 5.55 7.44 -0.11
C PHE B 262 6.11 6.51 0.98
N PRO B 263 7.38 6.71 1.37
CA PRO B 263 8.05 5.90 2.39
C PRO B 263 8.02 6.53 3.79
N HIS B 264 7.39 7.69 3.91
CA HIS B 264 7.29 8.40 5.18
C HIS B 264 6.00 8.14 5.94
N VAL B 265 5.07 7.43 5.30
CA VAL B 265 3.78 7.10 5.90
C VAL B 265 3.97 6.19 7.12
N ARG B 266 3.46 6.65 8.27
CA ARG B 266 3.57 5.88 9.52
C ARG B 266 2.21 5.83 10.20
N THR B 267 2.03 4.85 11.08
CA THR B 267 0.76 4.69 11.81
C THR B 267 0.66 5.72 12.94
N GLY B 268 -0.47 6.42 12.99
CA GLY B 268 -0.69 7.41 14.02
C GLY B 268 -0.38 8.84 13.59
N GLU B 269 0.13 9.01 12.37
CA GLU B 269 0.46 10.33 11.87
C GLU B 269 -0.65 10.97 11.04
N VAL B 270 -0.81 12.28 11.21
CA VAL B 270 -1.82 13.04 10.47
C VAL B 270 -1.20 13.51 9.16
N VAL B 271 -1.89 13.26 8.05
CA VAL B 271 -1.41 13.65 6.74
C VAL B 271 -2.45 14.41 5.93
N ARG B 272 -2.02 14.88 4.76
CA ARG B 272 -2.88 15.62 3.85
C ARG B 272 -2.69 15.06 2.46
N ILE B 273 -3.77 14.53 1.88
CA ILE B 273 -3.70 13.98 0.53
C ILE B 273 -4.07 15.10 -0.44
N ARG B 274 -3.10 15.46 -1.28
CA ARG B 274 -3.26 16.53 -2.26
C ARG B 274 -4.35 16.32 -3.31
N SER B 275 -4.35 15.17 -3.98
CA SER B 275 -5.35 14.92 -5.02
C SER B 275 -5.96 13.53 -4.93
N ALA B 276 -7.20 13.46 -4.46
CA ALA B 276 -7.90 12.18 -4.33
C ALA B 276 -9.22 12.13 -5.10
N THR B 277 -9.63 10.92 -5.46
CA THR B 277 -10.87 10.69 -6.19
C THR B 277 -11.65 9.55 -5.52
N TYR B 278 -12.96 9.72 -5.41
CA TYR B 278 -13.83 8.71 -4.80
C TYR B 278 -14.01 7.54 -5.75
N ASP B 279 -13.70 6.34 -5.28
CA ASP B 279 -13.84 5.13 -6.08
C ASP B 279 -15.30 4.67 -6.07
N GLU B 280 -16.00 4.95 -7.16
CA GLU B 280 -17.41 4.58 -7.32
C GLU B 280 -17.57 3.08 -7.54
N THR B 281 -16.55 2.44 -8.10
CA THR B 281 -16.58 1.02 -8.37
C THR B 281 -15.91 0.18 -7.28
N SER B 282 -16.32 0.42 -6.04
CA SER B 282 -15.83 -0.30 -4.87
C SER B 282 -17.00 -0.48 -3.92
N THR B 283 -17.50 -1.70 -3.83
CA THR B 283 -18.67 -2.02 -3.00
C THR B 283 -18.42 -2.47 -1.56
N GLN B 284 -17.34 -3.21 -1.31
CA GLN B 284 -17.06 -3.69 0.05
C GLN B 284 -16.23 -2.74 0.89
N LYS B 285 -15.42 -1.89 0.25
CA LYS B 285 -14.57 -0.96 0.97
C LYS B 285 -14.66 0.46 0.42
N LYS B 286 -14.56 1.44 1.31
CA LYS B 286 -14.59 2.84 0.92
C LYS B 286 -13.17 3.13 0.46
N VAL B 287 -12.99 3.36 -0.84
CA VAL B 287 -11.66 3.60 -1.40
C VAL B 287 -11.43 4.96 -2.06
N LEU B 288 -10.22 5.48 -1.88
CA LEU B 288 -9.80 6.75 -2.46
C LEU B 288 -8.74 6.42 -3.50
N ILE B 289 -8.91 6.94 -4.71
CA ILE B 289 -7.94 6.69 -5.79
C ILE B 289 -6.99 7.87 -5.95
N LEU B 290 -5.70 7.55 -6.01
CA LEU B 290 -4.66 8.56 -6.19
C LEU B 290 -4.05 8.52 -7.59
N SER B 291 -3.59 9.67 -8.06
CA SER B 291 -2.99 9.79 -9.38
C SER B 291 -1.48 10.00 -9.22
N HIS B 292 -0.77 10.05 -10.34
CA HIS B 292 0.69 10.24 -10.31
C HIS B 292 1.12 11.62 -9.82
N TYR B 293 0.21 12.59 -9.89
CA TYR B 293 0.51 13.93 -9.42
C TYR B 293 0.06 14.15 -7.97
N SER B 294 -0.67 13.18 -7.43
CA SER B 294 -1.17 13.25 -6.06
C SER B 294 -0.01 13.17 -5.07
N ASN B 295 -0.22 13.68 -3.86
CA ASN B 295 0.84 13.68 -2.87
C ASN B 295 0.31 13.52 -1.44
N ILE B 296 1.09 12.83 -0.61
CA ILE B 296 0.74 12.62 0.79
C ILE B 296 1.73 13.44 1.61
N ILE B 297 1.26 14.57 2.14
CA ILE B 297 2.09 15.47 2.93
C ILE B 297 1.86 15.36 4.43
N THR B 298 2.96 15.35 5.19
CA THR B 298 2.90 15.29 6.65
C THR B 298 3.29 16.68 7.16
N PHE B 299 3.03 16.95 8.44
CA PHE B 299 3.33 18.26 9.00
C PHE B 299 4.51 18.30 9.98
N ILE B 300 5.09 19.49 10.13
CA ILE B 300 6.20 19.69 11.05
C ILE B 300 5.63 19.65 12.46
N GLN B 301 6.39 19.11 13.41
CA GLN B 301 5.99 18.96 14.79
C GLN B 301 5.20 20.10 15.46
N SER B 302 5.52 21.34 15.11
CA SER B 302 4.85 22.51 15.67
C SER B 302 3.40 22.67 15.23
N SER B 303 3.00 21.94 14.18
CA SER B 303 1.66 22.01 13.64
C SER B 303 0.54 21.85 14.68
N LYS B 304 -0.38 22.81 14.69
CA LYS B 304 -1.51 22.82 15.60
C LYS B 304 -2.57 21.85 15.11
N LEU B 305 -2.77 21.85 13.79
CA LEU B 305 -3.75 20.99 13.13
C LEU B 305 -3.44 19.51 13.37
N ALA B 306 -2.23 19.10 13.00
CA ALA B 306 -1.80 17.72 13.16
C ALA B 306 -1.80 17.31 14.63
N LYS B 307 -1.45 18.25 15.51
CA LYS B 307 -1.42 18.01 16.94
C LYS B 307 -2.80 17.67 17.48
N GLU B 308 -3.77 18.52 17.18
CA GLU B 308 -5.15 18.32 17.63
C GLU B 308 -5.76 17.07 17.00
N LEU B 309 -5.46 16.83 15.73
CA LEU B 309 -5.99 15.68 15.01
C LEU B 309 -5.46 14.33 15.47
N ARG B 310 -4.28 14.32 16.09
CA ARG B 310 -3.69 13.08 16.59
C ARG B 310 -4.46 12.60 17.82
N ALA B 311 -4.88 13.56 18.65
CA ALA B 311 -5.61 13.26 19.87
C ALA B 311 -7.11 13.02 19.67
N LYS B 312 -7.75 13.90 18.90
CA LYS B 312 -9.18 13.80 18.64
C LYS B 312 -9.65 12.61 17.80
N ILE B 313 -8.74 11.99 17.07
CA ILE B 313 -9.09 10.85 16.21
C ILE B 313 -8.48 9.52 16.68
N GLN B 314 -9.35 8.63 17.14
CA GLN B 314 -8.93 7.31 17.63
C GLN B 314 -9.54 6.24 16.72
N ASP B 315 -9.03 5.01 16.80
CA ASP B 315 -9.56 3.92 15.98
C ASP B 315 -10.82 3.36 16.63
N ASP B 316 -11.71 2.80 15.81
CA ASP B 316 -12.97 2.24 16.28
C ASP B 316 -13.08 0.72 16.13
N HIS B 317 -12.35 0.16 15.18
CA HIS B 317 -12.37 -1.28 14.90
C HIS B 317 -13.74 -1.77 14.45
N SER B 318 -14.66 -0.82 14.23
CA SER B 318 -16.01 -1.14 13.80
C SER B 318 -16.00 -1.82 12.43
N VAL B 319 -15.02 -1.43 11.60
CA VAL B 319 -14.87 -2.00 10.27
C VAL B 319 -14.40 -3.44 10.39
N GLU B 320 -13.47 -3.67 11.32
CA GLU B 320 -12.92 -5.01 11.58
C GLU B 320 -13.94 -6.01 12.10
N VAL B 321 -14.57 -5.68 13.24
CA VAL B 321 -15.56 -6.56 13.85
C VAL B 321 -16.72 -6.90 12.91
N ALA B 322 -17.01 -6.00 11.98
CA ALA B 322 -18.08 -6.20 11.01
C ALA B 322 -17.64 -7.21 9.95
N SER B 323 -16.44 -7.00 9.42
CA SER B 323 -15.88 -7.87 8.38
C SER B 323 -15.65 -9.31 8.86
N LEU B 324 -15.43 -9.49 10.15
CA LEU B 324 -15.20 -10.80 10.73
C LEU B 324 -16.46 -11.68 10.67
N LYS B 325 -17.62 -11.04 10.56
CA LYS B 325 -18.89 -11.75 10.48
C LYS B 325 -19.25 -12.13 9.05
N LYS B 326 -18.29 -11.99 8.13
CA LYS B 326 -18.52 -12.31 6.73
C LYS B 326 -17.56 -13.40 6.27
N ASN B 327 -18.08 -14.31 5.43
CA ASN B 327 -17.29 -15.43 4.89
C ASN B 327 -16.00 -14.93 4.24
N VAL B 328 -16.14 -14.12 3.20
CA VAL B 328 -14.99 -13.55 2.51
C VAL B 328 -14.85 -12.08 2.86
N SER B 329 -13.76 -11.74 3.55
CA SER B 329 -13.50 -10.38 3.97
C SER B 329 -12.45 -9.72 3.09
N LEU B 330 -12.82 -8.59 2.47
CA LEU B 330 -11.90 -7.86 1.61
C LEU B 330 -11.09 -6.84 2.41
N ASN B 331 -11.37 -6.77 3.71
CA ASN B 331 -10.67 -5.85 4.62
C ASN B 331 -9.67 -6.61 5.47
N ALA B 332 -8.45 -6.06 5.57
CA ALA B 332 -7.40 -6.68 6.37
C ALA B 332 -7.68 -6.46 7.85
N VAL B 333 -7.59 -7.54 8.63
CA VAL B 333 -7.86 -7.48 10.06
C VAL B 333 -6.67 -7.94 10.89
N VAL B 334 -6.03 -6.99 11.56
CA VAL B 334 -4.88 -7.31 12.42
C VAL B 334 -5.47 -7.82 13.75
N LEU B 335 -5.40 -9.14 13.93
CA LEU B 335 -5.93 -9.81 15.10
C LEU B 335 -5.20 -9.57 16.43
N THR B 336 -3.89 -9.36 16.36
CA THR B 336 -3.10 -9.16 17.57
C THR B 336 -2.68 -7.73 17.90
N GLU B 337 -2.16 -7.57 19.11
CA GLU B 337 -1.68 -6.29 19.63
C GLU B 337 -0.38 -6.53 20.37
N VAL B 338 0.68 -5.86 19.93
CA VAL B 338 2.00 -5.99 20.53
C VAL B 338 2.09 -5.19 21.84
N ASP B 339 2.85 -5.70 22.80
CA ASP B 339 3.03 -5.04 24.09
C ASP B 339 3.60 -3.64 23.86
N LYS B 340 3.25 -2.71 24.75
CA LYS B 340 3.68 -1.32 24.66
C LYS B 340 5.20 -1.08 24.57
N LYS B 341 5.99 -1.99 25.12
CA LYS B 341 7.44 -1.83 25.11
C LYS B 341 8.09 -2.08 23.74
N HIS B 342 7.41 -2.81 22.86
CA HIS B 342 7.92 -3.10 21.53
C HIS B 342 7.20 -2.27 20.46
N ALA B 343 6.38 -1.33 20.90
CA ALA B 343 5.62 -0.48 20.00
C ALA B 343 6.47 0.37 19.05
N ALA B 344 7.70 0.69 19.48
CA ALA B 344 8.61 1.49 18.68
C ALA B 344 9.50 0.63 17.78
N LEU B 345 9.62 -0.65 18.14
CA LEU B 345 10.44 -1.62 17.41
C LEU B 345 9.98 -1.77 15.95
N PRO B 346 10.92 -1.77 15.00
CA PRO B 346 10.63 -1.91 13.56
C PRO B 346 10.23 -3.34 13.18
N SER B 347 9.48 -3.46 12.11
CA SER B 347 9.02 -4.78 11.64
C SER B 347 9.94 -5.37 10.57
N THR B 348 10.45 -6.57 10.86
CA THR B 348 11.34 -7.27 9.95
C THR B 348 10.55 -8.29 9.12
N SER B 349 10.84 -8.34 7.83
CA SER B 349 10.19 -9.27 6.91
C SER B 349 10.46 -10.72 7.27
N LEU B 350 9.55 -11.61 6.87
CA LEU B 350 9.69 -13.04 7.14
C LEU B 350 10.84 -13.59 6.33
N GLN B 351 11.07 -13.01 5.15
CA GLN B 351 12.15 -13.43 4.28
C GLN B 351 13.50 -13.14 4.93
N ASP B 352 13.63 -11.96 5.54
CA ASP B 352 14.87 -11.59 6.23
C ASP B 352 15.01 -12.48 7.46
N LEU B 353 13.89 -12.68 8.14
CA LEU B 353 13.82 -13.50 9.35
C LEU B 353 14.24 -14.95 9.15
N PHE B 354 13.98 -15.49 7.95
CA PHE B 354 14.31 -16.88 7.68
C PHE B 354 15.39 -17.15 6.62
N HIS B 355 15.52 -16.26 5.65
CA HIS B 355 16.51 -16.44 4.58
C HIS B 355 17.79 -15.61 4.72
N HIS B 356 17.77 -14.60 5.58
CA HIS B 356 18.93 -13.74 5.75
C HIS B 356 19.45 -13.61 7.19
N ALA B 357 18.67 -14.09 8.16
CA ALA B 357 19.05 -14.00 9.57
C ALA B 357 20.39 -14.64 9.95
N ASP B 358 20.83 -15.63 9.18
CA ASP B 358 22.10 -16.30 9.45
C ASP B 358 23.26 -15.73 8.63
N SER B 359 22.94 -14.84 7.69
CA SER B 359 23.94 -14.22 6.84
C SER B 359 24.18 -12.76 7.21
N ASP B 360 23.11 -11.98 7.23
CA ASP B 360 23.17 -10.56 7.56
C ASP B 360 23.78 -10.29 8.92
N LYS B 361 24.83 -9.48 8.93
CA LYS B 361 25.56 -9.11 10.15
C LYS B 361 24.75 -8.33 11.18
N GLU B 362 23.63 -7.76 10.76
CA GLU B 362 22.77 -6.99 11.64
C GLU B 362 21.72 -7.86 12.32
N LEU B 363 21.21 -8.86 11.59
CA LEU B 363 20.20 -9.77 12.10
C LEU B 363 20.76 -10.84 13.04
N GLN B 364 22.06 -11.11 12.93
CA GLN B 364 22.73 -12.09 13.78
C GLN B 364 22.89 -11.54 15.18
N ALA B 365 23.00 -10.22 15.28
CA ALA B 365 23.15 -9.52 16.56
C ALA B 365 21.86 -9.52 17.37
N GLN B 366 20.74 -9.30 16.69
CA GLN B 366 19.43 -9.26 17.34
C GLN B 366 18.86 -10.63 17.68
N ASP B 367 18.08 -10.66 18.76
CA ASP B 367 17.44 -11.89 19.23
C ASP B 367 15.92 -11.74 19.15
N THR B 368 15.44 -10.54 19.48
CA THR B 368 14.02 -10.22 19.46
C THR B 368 13.67 -9.45 18.19
N PHE B 369 12.58 -9.83 17.55
CA PHE B 369 12.13 -9.17 16.32
C PHE B 369 10.63 -8.94 16.32
N ARG B 370 10.18 -8.06 15.44
CA ARG B 370 8.76 -7.77 15.28
C ARG B 370 8.42 -8.08 13.83
N THR B 371 7.28 -8.72 13.62
CA THR B 371 6.87 -9.09 12.27
C THR B 371 5.36 -9.23 12.11
N GLN B 372 4.93 -9.20 10.85
CA GLN B 372 3.52 -9.34 10.50
C GLN B 372 3.41 -10.48 9.50
N PHE B 373 2.43 -11.35 9.70
CA PHE B 373 2.22 -12.50 8.82
C PHE B 373 0.79 -13.01 8.93
N TYR B 374 0.47 -14.00 8.10
CA TYR B 374 -0.86 -14.62 8.13
C TYR B 374 -0.75 -16.13 8.23
N VAL B 375 -1.43 -16.69 9.23
CA VAL B 375 -1.41 -18.13 9.47
C VAL B 375 -2.18 -18.90 8.41
N THR B 376 -1.51 -19.86 7.79
CA THR B 376 -2.12 -20.69 6.76
C THR B 376 -2.66 -21.99 7.36
N LYS B 377 -1.89 -22.56 8.28
CA LYS B 377 -2.27 -23.80 8.94
C LYS B 377 -1.74 -23.84 10.37
N ILE B 378 -2.55 -24.39 11.28
CA ILE B 378 -2.18 -24.50 12.68
C ILE B 378 -2.01 -25.96 13.08
N GLU B 379 -0.89 -26.26 13.73
CA GLU B 379 -0.60 -27.61 14.18
C GLU B 379 -0.42 -27.58 15.71
N PRO B 380 -0.94 -28.59 16.42
CA PRO B 380 -1.69 -29.76 15.93
C PRO B 380 -3.05 -29.38 15.34
N SER B 381 -3.50 -30.17 14.38
CA SER B 381 -4.78 -29.94 13.73
C SER B 381 -5.95 -30.09 14.70
N ASP B 382 -5.73 -30.86 15.77
CA ASP B 382 -6.75 -31.06 16.80
C ASP B 382 -6.54 -30.02 17.90
N VAL B 383 -7.51 -29.12 18.04
CA VAL B 383 -7.45 -28.05 19.03
C VAL B 383 -7.19 -28.54 20.45
N LYS B 384 -7.80 -29.67 20.82
CA LYS B 384 -7.64 -30.24 22.16
C LYS B 384 -6.20 -30.57 22.53
N GLU B 385 -5.37 -30.81 21.52
CA GLU B 385 -3.96 -31.14 21.73
C GLU B 385 -3.06 -29.91 21.82
N TRP B 386 -3.64 -28.72 21.72
CA TRP B 386 -2.88 -27.48 21.80
C TRP B 386 -2.21 -27.30 23.16
N VAL B 387 -2.88 -27.79 24.21
CA VAL B 387 -2.35 -27.71 25.56
C VAL B 387 -1.90 -29.11 26.01
N LYS B 388 -0.65 -29.21 26.45
CA LYS B 388 -0.10 -30.49 26.89
C LYS B 388 0.55 -30.40 28.26
N GLY B 389 0.76 -31.56 28.88
CA GLY B 389 1.40 -31.62 30.18
C GLY B 389 2.91 -31.48 29.97
N TYR B 390 3.56 -30.71 30.84
CA TYR B 390 5.00 -30.48 30.70
C TYR B 390 5.80 -30.79 31.96
N ASP B 391 6.90 -31.50 31.77
CA ASP B 391 7.79 -31.86 32.88
C ASP B 391 8.99 -30.91 32.89
N ARG B 392 9.13 -30.15 33.96
CA ARG B 392 10.21 -29.19 34.13
C ARG B 392 11.56 -29.90 34.24
N LYS B 393 11.58 -30.96 35.03
CA LYS B 393 12.77 -31.76 35.29
C LYS B 393 13.19 -32.69 34.15
N THR B 394 12.30 -32.90 33.17
CA THR B 394 12.61 -33.78 32.05
C THR B 394 12.61 -33.06 30.70
N LYS B 395 11.99 -31.89 30.65
CA LYS B 395 11.90 -31.08 29.43
C LYS B 395 11.08 -31.74 28.31
N LYS B 396 10.22 -32.68 28.69
CA LYS B 396 9.38 -33.39 27.73
C LYS B 396 7.90 -33.12 28.00
N SER B 397 7.12 -32.96 26.94
CA SER B 397 5.68 -32.72 27.06
C SER B 397 4.89 -33.97 26.71
N SER B 398 3.70 -34.08 27.27
CA SER B 398 2.84 -35.24 27.04
C SER B 398 1.37 -34.85 26.86
N SER B 399 0.61 -35.74 26.22
CA SER B 399 -0.81 -35.52 25.96
C SER B 399 -1.65 -35.68 27.22
N LEU B 400 -2.73 -34.92 27.30
CA LEU B 400 -3.66 -34.97 28.42
C LEU B 400 -4.92 -35.73 27.99
N LYS B 401 -4.79 -36.49 26.90
CA LYS B 401 -5.89 -37.26 26.34
C LYS B 401 -6.60 -38.11 27.40
N GLY B 402 -5.89 -39.12 27.92
CA GLY B 402 -6.45 -39.96 28.96
C GLY B 402 -6.19 -39.33 30.31
N ALA B 403 -5.81 -38.06 30.28
CA ALA B 403 -5.49 -37.28 31.47
C ALA B 403 -4.30 -37.88 32.22
N SER B 404 -3.51 -38.65 31.49
CA SER B 404 -2.32 -39.30 32.02
C SER B 404 -1.18 -38.30 32.19
N GLY B 405 -1.18 -37.25 31.37
CA GLY B 405 -0.16 -36.23 31.45
C GLY B 405 -0.27 -35.47 32.76
N LYS B 406 0.68 -35.70 33.65
CA LYS B 406 0.68 -35.05 34.96
C LYS B 406 1.42 -33.72 35.03
N GLY B 407 2.19 -33.40 33.99
CA GLY B 407 2.94 -32.16 33.97
C GLY B 407 2.14 -30.87 33.99
N ASP B 408 2.85 -29.75 34.05
CA ASP B 408 2.22 -28.43 34.08
C ASP B 408 1.57 -28.14 32.73
N ASN B 409 0.42 -27.46 32.76
CA ASN B 409 -0.29 -27.12 31.53
C ASN B 409 0.38 -25.98 30.77
N ILE B 410 0.79 -26.28 29.54
CA ILE B 410 1.44 -25.30 28.68
C ILE B 410 0.91 -25.39 27.26
N PHE B 411 1.11 -24.34 26.48
CA PHE B 411 0.68 -24.30 25.09
C PHE B 411 1.83 -24.79 24.21
N GLN B 412 1.49 -25.62 23.23
CA GLN B 412 2.48 -26.15 22.30
C GLN B 412 1.91 -26.07 20.88
N VAL B 413 1.48 -24.86 20.52
CA VAL B 413 0.89 -24.61 19.21
C VAL B 413 1.98 -24.20 18.21
N GLN B 414 1.85 -24.68 16.98
CA GLN B 414 2.79 -24.38 15.92
C GLN B 414 2.08 -23.78 14.70
N PHE B 415 2.47 -22.55 14.36
CA PHE B 415 1.87 -21.85 13.22
C PHE B 415 2.72 -21.96 11.96
N LEU B 416 2.07 -22.25 10.85
CA LEU B 416 2.73 -22.33 9.55
C LEU B 416 2.29 -21.05 8.85
N VAL B 417 3.13 -20.03 8.96
CA VAL B 417 2.84 -18.71 8.40
C VAL B 417 3.39 -18.39 7.02
N LYS B 418 2.92 -17.27 6.49
CA LYS B 418 3.32 -16.77 5.17
C LYS B 418 3.44 -15.25 5.28
N ASP B 419 4.20 -14.65 4.37
CA ASP B 419 4.42 -13.20 4.39
C ASP B 419 4.09 -12.56 3.04
N ALA B 420 4.15 -11.23 2.99
CA ALA B 420 3.88 -10.48 1.77
C ALA B 420 5.08 -10.62 0.82
N SER B 421 6.27 -10.69 1.42
CA SER B 421 7.52 -10.83 0.67
C SER B 421 7.73 -12.29 0.29
N THR B 422 7.03 -13.17 0.99
CA THR B 422 7.09 -14.61 0.79
C THR B 422 5.92 -15.11 -0.06
N GLN B 423 4.97 -14.22 -0.30
CA GLN B 423 3.75 -14.51 -1.06
C GLN B 423 3.87 -15.45 -2.27
N LEU B 424 4.90 -15.27 -3.09
CA LEU B 424 5.07 -16.09 -4.29
C LEU B 424 5.81 -17.42 -4.18
N ASN B 425 6.72 -17.54 -3.22
CA ASN B 425 7.49 -18.79 -3.07
C ASN B 425 6.65 -19.99 -2.62
N ASN B 426 7.24 -21.18 -2.72
CA ASN B 426 6.59 -22.42 -2.34
C ASN B 426 6.99 -22.81 -0.90
N ASN B 427 7.09 -21.80 -0.04
CA ASN B 427 7.48 -22.03 1.34
C ASN B 427 6.44 -21.57 2.36
N THR B 428 6.58 -22.09 3.57
CA THR B 428 5.73 -21.77 4.70
C THR B 428 6.69 -21.80 5.88
N TYR B 429 6.63 -20.79 6.74
CA TYR B 429 7.54 -20.70 7.86
C TYR B 429 6.98 -21.03 9.23
N ARG B 430 7.81 -21.67 10.05
CA ARG B 430 7.43 -22.08 11.39
C ARG B 430 7.64 -21.02 12.47
N VAL B 431 6.53 -20.63 13.09
CA VAL B 431 6.52 -19.67 14.18
C VAL B 431 5.86 -20.42 15.32
N LEU B 432 6.59 -20.58 16.42
CA LEU B 432 6.08 -21.33 17.57
C LEU B 432 5.46 -20.53 18.70
N LEU B 433 4.55 -21.19 19.42
CA LEU B 433 3.86 -20.61 20.55
C LEU B 433 3.98 -21.61 21.70
N TYR B 434 5.22 -21.79 22.17
CA TYR B 434 5.52 -22.70 23.27
C TYR B 434 5.63 -21.86 24.54
N THR B 435 4.67 -22.04 25.44
CA THR B 435 4.61 -21.26 26.68
C THR B 435 5.24 -21.88 27.92
N GLN B 436 6.16 -22.83 27.75
CA GLN B 436 6.79 -23.46 28.91
C GLN B 436 7.61 -22.48 29.75
N ASP B 437 8.27 -21.54 29.08
CA ASP B 437 9.09 -20.54 29.77
C ASP B 437 8.38 -19.21 29.97
N GLY B 438 7.05 -19.24 29.85
CA GLY B 438 6.25 -18.03 30.03
C GLY B 438 6.10 -17.13 28.82
N LEU B 439 6.71 -17.52 27.69
CA LEU B 439 6.61 -16.71 26.48
C LEU B 439 5.30 -16.91 25.72
N GLY B 440 4.55 -15.82 25.57
CA GLY B 440 3.28 -15.86 24.86
C GLY B 440 2.18 -16.66 25.51
N ALA B 441 2.17 -16.71 26.83
CA ALA B 441 1.15 -17.45 27.58
C ALA B 441 -0.21 -16.77 27.44
N ASN B 442 -0.21 -15.46 27.60
CA ASN B 442 -1.41 -14.62 27.53
C ASN B 442 -1.95 -14.42 26.11
N PHE B 443 -1.35 -15.10 25.13
CA PHE B 443 -1.75 -14.97 23.73
C PHE B 443 -3.25 -15.08 23.43
N PHE B 444 -3.86 -16.20 23.80
CA PHE B 444 -5.28 -16.42 23.55
C PHE B 444 -6.23 -15.82 24.58
N ASN B 445 -5.68 -15.06 25.53
CA ASN B 445 -6.47 -14.42 26.59
C ASN B 445 -7.18 -15.44 27.49
N VAL B 446 -6.94 -16.72 27.21
CA VAL B 446 -7.52 -17.80 27.99
C VAL B 446 -6.33 -18.60 28.52
N LYS B 447 -6.27 -18.75 29.84
CA LYS B 447 -5.17 -19.48 30.45
C LYS B 447 -5.23 -20.97 30.10
N ALA B 448 -4.05 -21.57 29.93
CA ALA B 448 -3.94 -22.98 29.57
C ALA B 448 -4.72 -23.87 30.53
N ASP B 449 -5.35 -24.90 29.96
CA ASP B 449 -6.15 -25.84 30.74
C ASP B 449 -6.36 -27.10 29.91
N ASN B 450 -6.75 -28.19 30.58
CA ASN B 450 -7.01 -29.45 29.92
C ASN B 450 -8.20 -29.25 28.98
N LEU B 451 -7.93 -29.17 27.69
CA LEU B 451 -8.96 -28.96 26.69
C LEU B 451 -9.92 -30.14 26.51
N HIS B 452 -9.51 -31.31 26.97
CA HIS B 452 -10.35 -32.50 26.89
C HIS B 452 -11.43 -32.47 27.95
N LYS B 453 -11.18 -31.69 29.01
CA LYS B 453 -12.12 -31.57 30.12
C LYS B 453 -12.87 -30.23 30.15
N ASN B 454 -12.13 -29.13 30.08
CA ASN B 454 -12.75 -27.81 30.10
C ASN B 454 -13.32 -27.45 28.74
N ALA B 455 -14.65 -27.48 28.64
CA ALA B 455 -15.35 -27.16 27.41
C ALA B 455 -15.25 -25.68 27.05
N ASP B 456 -15.37 -24.81 28.05
CA ASP B 456 -15.29 -23.36 27.85
C ASP B 456 -13.99 -22.96 27.17
N ALA B 457 -12.88 -23.52 27.64
CA ALA B 457 -11.56 -23.23 27.09
C ALA B 457 -11.42 -23.76 25.66
N ARG B 458 -12.04 -24.90 25.40
CA ARG B 458 -11.98 -25.53 24.09
C ARG B 458 -12.69 -24.69 23.03
N LYS B 459 -13.90 -24.24 23.36
CA LYS B 459 -14.70 -23.42 22.44
C LYS B 459 -13.97 -22.14 22.07
N LYS B 460 -13.42 -21.47 23.09
CA LYS B 460 -12.68 -20.23 22.91
C LYS B 460 -11.53 -20.39 21.92
N LEU B 461 -10.77 -21.47 22.07
CA LEU B 461 -9.64 -21.74 21.19
C LEU B 461 -10.08 -22.17 19.79
N GLU B 462 -11.21 -22.89 19.72
CA GLU B 462 -11.74 -23.33 18.44
C GLU B 462 -12.19 -22.11 17.64
N ASP B 463 -12.71 -21.12 18.34
CA ASP B 463 -13.17 -19.87 17.72
C ASP B 463 -11.99 -19.09 17.15
N SER B 464 -10.90 -19.05 17.92
CA SER B 464 -9.69 -18.34 17.51
C SER B 464 -8.95 -19.05 16.37
N ALA B 465 -9.08 -20.38 16.33
CA ALA B 465 -8.42 -21.18 15.30
C ALA B 465 -8.96 -20.86 13.91
N GLU B 466 -10.28 -20.83 13.76
CA GLU B 466 -10.93 -20.52 12.49
C GLU B 466 -10.76 -19.04 12.14
N LEU B 467 -10.47 -18.24 13.16
CA LEU B 467 -10.27 -16.80 12.99
C LEU B 467 -8.89 -16.51 12.42
N LEU B 468 -7.88 -17.23 12.92
CA LEU B 468 -6.49 -17.07 12.48
C LEU B 468 -6.23 -17.57 11.07
N THR B 469 -6.80 -18.72 10.73
CA THR B 469 -6.63 -19.31 9.40
C THR B 469 -7.52 -18.68 8.32
N LYS B 470 -8.46 -17.85 8.75
CA LYS B 470 -9.37 -17.18 7.84
C LYS B 470 -8.61 -16.18 6.97
N PHE B 471 -9.07 -15.99 5.73
CA PHE B 471 -8.44 -15.06 4.79
C PHE B 471 -8.50 -13.61 5.28
N ASN B 472 -7.44 -12.88 4.97
CA ASN B 472 -7.30 -11.46 5.33
C ASN B 472 -7.11 -11.22 6.83
N SER B 473 -6.78 -12.29 7.56
CA SER B 473 -6.52 -12.20 8.99
C SER B 473 -5.01 -12.16 9.16
N TYR B 474 -4.51 -11.12 9.82
CA TYR B 474 -3.08 -10.98 10.02
C TYR B 474 -2.66 -10.91 11.49
N VAL B 475 -1.42 -11.30 11.75
CA VAL B 475 -0.87 -11.29 13.10
C VAL B 475 0.35 -10.38 13.18
N ASP B 476 0.28 -9.41 14.07
CA ASP B 476 1.37 -8.47 14.32
C ASP B 476 1.99 -8.99 15.61
N ALA B 477 3.08 -9.73 15.48
CA ALA B 477 3.74 -10.31 16.65
C ALA B 477 5.21 -9.97 16.84
N VAL B 478 5.68 -10.25 18.06
CA VAL B 478 7.07 -10.04 18.45
C VAL B 478 7.61 -11.43 18.72
N VAL B 479 8.75 -11.76 18.13
CA VAL B 479 9.35 -13.07 18.29
C VAL B 479 10.76 -13.10 18.89
N GLU B 480 11.01 -14.10 19.74
CA GLU B 480 12.32 -14.27 20.34
C GLU B 480 12.94 -15.48 19.64
N ARG B 481 14.22 -15.38 19.32
CA ARG B 481 14.92 -16.46 18.63
C ARG B 481 15.63 -17.41 19.58
N ARG B 482 15.30 -18.69 19.47
CA ARG B 482 15.89 -19.74 20.31
C ARG B 482 16.27 -20.97 19.51
N ASN B 483 17.56 -21.29 19.48
CA ASN B 483 18.08 -22.45 18.77
C ASN B 483 17.52 -22.57 17.35
N GLY B 484 17.57 -21.47 16.60
CA GLY B 484 17.08 -21.47 15.23
C GLY B 484 15.58 -21.36 15.01
N PHE B 485 14.82 -21.17 16.08
CA PHE B 485 13.36 -21.05 15.97
C PHE B 485 12.86 -19.72 16.52
N TYR B 486 11.68 -19.32 16.07
CA TYR B 486 11.07 -18.07 16.52
C TYR B 486 9.83 -18.31 17.37
N LEU B 487 9.81 -17.71 18.55
CA LEU B 487 8.69 -17.87 19.48
C LEU B 487 7.90 -16.59 19.68
N ILE B 488 6.57 -16.71 19.64
CA ILE B 488 5.68 -15.57 19.85
C ILE B 488 5.79 -15.17 21.31
N LYS B 489 5.94 -13.86 21.56
CA LYS B 489 6.04 -13.36 22.92
C LYS B 489 5.58 -11.91 22.99
N ASP B 490 5.08 -11.51 24.17
CA ASP B 490 4.59 -10.16 24.41
C ASP B 490 3.58 -9.76 23.34
N THR B 491 2.81 -10.72 22.87
CA THR B 491 1.79 -10.51 21.84
C THR B 491 0.53 -11.25 22.27
N LYS B 492 -0.64 -10.69 21.92
CA LYS B 492 -1.91 -11.30 22.28
C LYS B 492 -3.05 -10.91 21.34
N LEU B 493 -4.05 -11.78 21.26
CA LEU B 493 -5.23 -11.58 20.44
C LEU B 493 -6.12 -10.50 21.07
N ILE B 494 -6.78 -9.71 20.25
CA ILE B 494 -7.68 -8.66 20.76
C ILE B 494 -9.11 -8.83 20.29
N TYR B 495 -9.40 -9.99 19.69
CA TYR B 495 -10.73 -10.30 19.19
C TYR B 495 -11.25 -11.62 19.78
N GLN C 10 -22.41 -2.59 -8.59
CA GLN C 10 -21.10 -2.60 -9.30
C GLN C 10 -21.21 -1.89 -10.65
N GLN C 11 -20.65 -0.69 -10.73
CA GLN C 11 -20.69 0.11 -11.94
C GLN C 11 -19.69 -0.30 -13.03
N SER C 12 -18.59 -0.94 -12.62
CA SER C 12 -17.58 -1.38 -13.58
C SER C 12 -17.89 -2.75 -14.16
N ALA C 13 -18.17 -2.78 -15.47
CA ALA C 13 -18.49 -4.02 -16.17
C ALA C 13 -17.31 -4.99 -16.16
N PHE C 14 -16.10 -4.44 -16.32
CA PHE C 14 -14.89 -5.25 -16.33
C PHE C 14 -14.54 -5.79 -14.95
N LYS C 15 -14.71 -4.96 -13.92
CA LYS C 15 -14.40 -5.38 -12.56
C LYS C 15 -15.36 -6.47 -12.07
N GLN C 16 -16.61 -6.44 -12.53
CA GLN C 16 -17.59 -7.45 -12.13
C GLN C 16 -17.26 -8.76 -12.85
N LEU C 17 -16.89 -8.64 -14.12
CA LEU C 17 -16.55 -9.78 -14.97
C LEU C 17 -15.34 -10.53 -14.43
N TYR C 18 -14.21 -9.82 -14.31
CA TYR C 18 -12.96 -10.38 -13.81
C TYR C 18 -13.06 -10.91 -12.38
N THR C 19 -13.89 -10.28 -11.56
CA THR C 19 -14.08 -10.71 -10.17
C THR C 19 -14.87 -12.02 -10.17
N GLU C 20 -15.88 -12.09 -11.04
CA GLU C 20 -16.71 -13.28 -11.16
C GLU C 20 -15.91 -14.50 -11.61
N LEU C 21 -14.99 -14.27 -12.55
CA LEU C 21 -14.15 -15.34 -13.07
C LEU C 21 -13.26 -15.94 -11.99
N PHE C 22 -12.59 -15.08 -11.22
CA PHE C 22 -11.72 -15.53 -10.14
C PHE C 22 -12.47 -16.23 -9.01
N ASN C 23 -13.70 -15.80 -8.75
CA ASN C 23 -14.51 -16.41 -7.70
C ASN C 23 -15.14 -17.71 -8.17
N ASN C 24 -14.84 -18.11 -9.40
CA ASN C 24 -15.38 -19.35 -9.97
C ASN C 24 -14.28 -20.26 -10.51
N GLU C 25 -13.08 -20.13 -9.98
CA GLU C 25 -11.92 -20.95 -10.36
C GLU C 25 -11.49 -20.86 -11.83
N GLY C 26 -11.74 -19.72 -12.47
CA GLY C 26 -11.35 -19.55 -13.86
C GLY C 26 -12.22 -20.27 -14.87
N ASP C 27 -13.37 -20.76 -14.41
CA ASP C 27 -14.31 -21.46 -15.28
C ASP C 27 -15.25 -20.45 -15.91
N PHE C 28 -15.05 -20.17 -17.20
CA PHE C 28 -15.90 -19.22 -17.92
C PHE C 28 -17.33 -19.74 -18.05
N SER C 29 -17.51 -21.04 -17.85
CA SER C 29 -18.83 -21.65 -17.94
C SER C 29 -19.67 -21.35 -16.70
N LYS C 30 -19.03 -21.40 -15.53
CA LYS C 30 -19.70 -21.15 -14.26
C LYS C 30 -20.18 -19.71 -14.07
N VAL C 31 -19.52 -18.76 -14.74
CA VAL C 31 -19.92 -17.36 -14.62
C VAL C 31 -21.30 -17.17 -15.28
N SER C 32 -22.16 -16.39 -14.61
CA SER C 32 -23.51 -16.13 -15.11
C SER C 32 -23.59 -15.78 -16.59
N SER C 33 -24.53 -16.43 -17.28
CA SER C 33 -24.74 -16.21 -18.71
C SER C 33 -25.35 -14.85 -19.02
N ASN C 34 -25.52 -14.03 -17.99
CA ASN C 34 -26.07 -12.69 -18.14
C ASN C 34 -24.97 -11.75 -18.61
N LEU C 35 -23.75 -12.06 -18.20
CA LEU C 35 -22.56 -11.27 -18.54
C LEU C 35 -21.95 -11.65 -19.89
N LYS C 36 -22.53 -12.65 -20.56
CA LYS C 36 -22.04 -13.11 -21.85
C LYS C 36 -22.33 -12.12 -22.98
N LYS C 37 -23.18 -11.14 -22.69
CA LYS C 37 -23.57 -10.11 -23.65
C LYS C 37 -22.40 -9.28 -24.20
N PRO C 38 -22.53 -8.78 -25.44
CA PRO C 38 -21.50 -7.97 -26.11
C PRO C 38 -21.05 -6.77 -25.29
N LEU C 39 -19.75 -6.48 -25.35
CA LEU C 39 -19.19 -5.37 -24.59
C LEU C 39 -18.75 -4.19 -25.47
N LYS C 40 -19.54 -3.12 -25.44
CA LYS C 40 -19.23 -1.92 -26.21
C LYS C 40 -18.32 -1.06 -25.33
N CYS C 41 -17.02 -1.06 -25.62
CA CYS C 41 -16.06 -0.31 -24.82
C CYS C 41 -15.15 0.64 -25.61
N TYR C 42 -14.78 1.72 -24.95
CA TYR C 42 -13.91 2.77 -25.51
C TYR C 42 -12.44 2.35 -25.55
N VAL C 43 -11.75 2.70 -26.62
CA VAL C 43 -10.34 2.36 -26.79
C VAL C 43 -9.44 3.52 -26.34
N LYS C 44 -8.66 3.27 -25.29
CA LYS C 44 -7.75 4.29 -24.75
C LYS C 44 -6.44 4.32 -25.53
N GLU C 45 -5.87 3.15 -25.79
CA GLU C 45 -4.61 3.04 -26.51
C GLU C 45 -4.63 1.95 -27.58
N SER C 46 -3.64 1.99 -28.47
CA SER C 46 -3.55 1.01 -29.55
C SER C 46 -2.12 0.57 -29.83
N TYR C 47 -1.14 1.32 -29.33
CA TYR C 47 0.27 1.01 -29.53
C TYR C 47 1.11 1.96 -28.67
N PRO C 48 2.17 1.44 -28.02
CA PRO C 48 2.68 0.06 -28.02
C PRO C 48 1.74 -0.96 -27.38
N HIS C 49 0.81 -0.50 -26.56
CA HIS C 49 -0.13 -1.40 -25.89
C HIS C 49 -1.58 -1.04 -26.21
N PHE C 50 -2.33 -2.02 -26.72
CA PHE C 50 -3.74 -1.82 -27.06
C PHE C 50 -4.57 -2.03 -25.80
N LEU C 51 -4.94 -0.94 -25.15
CA LEU C 51 -5.72 -0.98 -23.93
C LEU C 51 -7.13 -0.45 -24.13
N VAL C 52 -8.12 -1.21 -23.68
CA VAL C 52 -9.53 -0.84 -23.80
C VAL C 52 -10.07 -0.47 -22.41
N THR C 53 -11.19 0.25 -22.37
CA THR C 53 -11.79 0.67 -21.11
C THR C 53 -13.32 0.67 -21.11
N ASP C 54 -13.89 0.20 -20.01
CA ASP C 54 -15.34 0.14 -19.83
C ASP C 54 -15.86 1.42 -19.20
N GLY C 55 -14.97 2.40 -19.05
CA GLY C 55 -15.35 3.68 -18.46
C GLY C 55 -14.72 3.88 -17.08
N TYR C 56 -14.37 2.78 -16.43
CA TYR C 56 -13.76 2.84 -15.10
C TYR C 56 -12.33 2.30 -15.04
N PHE C 57 -12.09 1.17 -15.69
CA PHE C 57 -10.77 0.54 -15.71
C PHE C 57 -10.34 0.22 -17.13
N PHE C 58 -9.07 -0.16 -17.29
CA PHE C 58 -8.57 -0.54 -18.60
C PHE C 58 -7.95 -1.94 -18.57
N VAL C 59 -8.12 -2.67 -19.67
CA VAL C 59 -7.58 -4.01 -19.80
C VAL C 59 -6.99 -4.20 -21.18
N ALA C 60 -6.06 -5.14 -21.31
CA ALA C 60 -5.42 -5.43 -22.59
C ALA C 60 -6.05 -6.65 -23.22
N PRO C 61 -6.92 -6.46 -24.24
CA PRO C 61 -7.58 -7.58 -24.91
C PRO C 61 -6.59 -8.34 -25.78
N TYR C 62 -6.93 -9.59 -26.08
CA TYR C 62 -6.06 -10.44 -26.90
C TYR C 62 -6.78 -10.92 -28.16
N PHE C 63 -6.36 -10.36 -29.30
CA PHE C 63 -6.94 -10.69 -30.59
C PHE C 63 -6.42 -12.00 -31.16
N THR C 64 -7.25 -12.70 -31.92
CA THR C 64 -6.87 -13.97 -32.53
C THR C 64 -6.33 -13.77 -33.93
N LYS C 65 -5.40 -14.64 -34.35
CA LYS C 65 -4.82 -14.58 -35.69
C LYS C 65 -5.86 -15.07 -36.69
N GLU C 66 -7.05 -15.38 -36.16
CA GLU C 66 -8.19 -15.85 -36.95
C GLU C 66 -9.39 -14.95 -36.63
N ALA C 67 -9.09 -13.75 -36.12
CA ALA C 67 -10.14 -12.78 -35.77
C ALA C 67 -9.89 -11.43 -36.43
N VAL C 68 -8.62 -11.08 -36.59
CA VAL C 68 -8.25 -9.82 -37.24
C VAL C 68 -8.38 -9.94 -38.75
N ASN C 69 -8.37 -11.18 -39.25
CA ASN C 69 -8.52 -11.45 -40.67
C ASN C 69 -9.92 -10.97 -41.07
N GLU C 70 -10.87 -11.27 -40.18
CA GLU C 70 -12.27 -10.89 -40.36
C GLU C 70 -12.42 -9.37 -40.30
N PHE C 71 -11.70 -8.76 -39.36
CA PHE C 71 -11.74 -7.30 -39.17
C PHE C 71 -11.34 -6.54 -40.43
N HIS C 72 -10.39 -7.08 -41.17
CA HIS C 72 -9.93 -6.46 -42.41
C HIS C 72 -10.88 -6.72 -43.57
N ALA C 73 -11.55 -7.86 -43.52
CA ALA C 73 -12.50 -8.25 -44.56
C ALA C 73 -13.78 -7.41 -44.48
N LYS C 74 -14.28 -7.22 -43.27
CA LYS C 74 -15.50 -6.44 -43.04
C LYS C 74 -15.23 -4.94 -43.03
N PHE C 75 -14.03 -4.57 -42.61
CA PHE C 75 -13.64 -3.16 -42.53
C PHE C 75 -12.27 -2.94 -43.19
N PRO C 76 -12.22 -2.95 -44.53
CA PRO C 76 -10.98 -2.76 -45.30
C PRO C 76 -10.31 -1.40 -45.09
N ASN C 77 -9.00 -1.45 -44.93
CA ASN C 77 -8.15 -0.27 -44.72
C ASN C 77 -8.44 0.53 -43.44
N VAL C 78 -9.34 0.03 -42.60
CA VAL C 78 -9.65 0.70 -41.34
C VAL C 78 -8.61 0.20 -40.33
N ASN C 79 -7.39 0.71 -40.48
CA ASN C 79 -6.26 0.35 -39.62
C ASN C 79 -6.55 0.27 -38.13
N ILE C 80 -6.18 -0.86 -37.55
CA ILE C 80 -6.39 -1.15 -36.13
C ILE C 80 -5.51 -0.34 -35.17
N VAL C 81 -4.29 -0.03 -35.60
CA VAL C 81 -3.35 0.72 -34.77
C VAL C 81 -3.77 2.18 -34.60
N ASP C 82 -4.69 2.64 -35.45
CA ASP C 82 -5.17 4.01 -35.37
C ASP C 82 -6.58 4.10 -34.77
N LEU C 83 -7.00 3.02 -34.13
CA LEU C 83 -8.32 2.95 -33.49
C LEU C 83 -8.34 3.70 -32.16
N THR C 84 -7.19 4.20 -31.74
CA THR C 84 -7.07 4.94 -30.48
C THR C 84 -8.09 6.06 -30.39
N ASP C 85 -8.79 6.12 -29.24
CA ASP C 85 -9.81 7.12 -28.97
C ASP C 85 -11.09 6.89 -29.77
N LYS C 86 -11.35 5.65 -30.13
CA LYS C 86 -12.56 5.28 -30.90
C LYS C 86 -13.15 3.99 -30.34
N VAL C 87 -14.47 3.99 -30.16
CA VAL C 87 -15.19 2.84 -29.62
C VAL C 87 -15.24 1.59 -30.51
N ILE C 88 -15.12 0.44 -29.88
CA ILE C 88 -15.18 -0.87 -30.55
C ILE C 88 -16.21 -1.73 -29.84
N VAL C 89 -16.81 -2.66 -30.58
CA VAL C 89 -17.82 -3.55 -29.99
C VAL C 89 -17.43 -5.01 -30.19
N ILE C 90 -17.02 -5.66 -29.11
CA ILE C 90 -16.64 -7.07 -29.16
C ILE C 90 -17.87 -7.97 -29.10
N ASN C 91 -18.16 -8.61 -30.23
CA ASN C 91 -19.31 -9.50 -30.35
C ASN C 91 -19.11 -10.79 -29.56
N ASN C 92 -18.19 -11.64 -30.02
CA ASN C 92 -17.90 -12.89 -29.35
C ASN C 92 -16.54 -12.82 -28.67
N TRP C 93 -16.53 -12.98 -27.36
CA TRP C 93 -15.30 -12.93 -26.57
C TRP C 93 -15.25 -14.03 -25.51
N SER C 94 -14.05 -14.33 -25.04
CA SER C 94 -13.84 -15.35 -24.02
C SER C 94 -12.97 -14.79 -22.89
N LEU C 95 -12.97 -15.48 -21.76
CA LEU C 95 -12.18 -15.07 -20.60
C LEU C 95 -11.32 -16.21 -20.07
N GLU C 96 -10.03 -16.16 -20.41
CA GLU C 96 -9.09 -17.18 -19.96
C GLU C 96 -8.33 -16.75 -18.72
N LEU C 97 -7.62 -17.71 -18.14
CA LEU C 97 -6.82 -17.48 -16.93
C LEU C 97 -5.50 -18.21 -17.12
N ARG C 98 -4.40 -17.53 -16.82
CA ARG C 98 -3.08 -18.13 -16.97
C ARG C 98 -2.00 -17.50 -16.11
N ARG C 99 -0.97 -18.29 -15.82
CA ARG C 99 0.16 -17.87 -15.03
C ARG C 99 1.13 -17.07 -15.88
N VAL C 100 1.62 -15.96 -15.35
CA VAL C 100 2.57 -15.10 -16.07
C VAL C 100 3.57 -14.53 -15.06
N ASN C 101 4.46 -13.66 -15.53
CA ASN C 101 5.44 -13.02 -14.66
C ASN C 101 4.99 -11.57 -14.50
N SER C 102 4.31 -11.29 -13.40
CA SER C 102 3.79 -9.95 -13.11
C SER C 102 4.82 -8.83 -13.10
N ALA C 103 6.10 -9.19 -13.22
CA ALA C 103 7.18 -8.20 -13.24
C ALA C 103 7.45 -7.75 -14.67
N GLU C 104 6.92 -8.49 -15.64
CA GLU C 104 7.09 -8.17 -17.05
C GLU C 104 5.76 -7.82 -17.73
N VAL C 105 4.66 -8.28 -17.15
CA VAL C 105 3.32 -8.02 -17.66
C VAL C 105 2.58 -7.17 -16.63
N PHE C 106 2.31 -5.91 -16.97
CA PHE C 106 1.62 -5.02 -16.04
C PHE C 106 0.12 -5.27 -15.94
N THR C 107 -0.44 -5.99 -16.92
CA THR C 107 -1.86 -6.29 -16.92
C THR C 107 -2.14 -7.59 -16.17
N SER C 108 -1.41 -7.80 -15.08
CA SER C 108 -1.55 -8.99 -14.25
C SER C 108 -1.15 -8.68 -12.81
N TYR C 109 -1.40 -9.64 -11.92
CA TYR C 109 -1.08 -9.48 -10.51
C TYR C 109 -0.76 -10.83 -9.86
N ALA C 110 0.32 -10.87 -9.09
CA ALA C 110 0.76 -12.08 -8.39
C ALA C 110 0.90 -13.28 -9.31
N ASN C 111 1.50 -13.05 -10.48
CA ASN C 111 1.73 -14.08 -11.48
C ASN C 111 0.47 -14.76 -12.03
N LEU C 112 -0.63 -14.00 -12.07
CA LEU C 112 -1.90 -14.50 -12.57
C LEU C 112 -2.57 -13.43 -13.42
N GLU C 113 -3.09 -13.85 -14.58
CA GLU C 113 -3.75 -12.92 -15.48
C GLU C 113 -5.04 -13.45 -16.11
N ALA C 114 -6.08 -12.63 -16.03
CA ALA C 114 -7.38 -12.97 -16.62
C ALA C 114 -7.41 -12.26 -17.97
N ARG C 115 -7.17 -13.03 -19.03
CA ARG C 115 -7.14 -12.48 -20.39
C ARG C 115 -8.48 -12.41 -21.09
N LEU C 116 -8.72 -11.29 -21.77
CA LEU C 116 -9.95 -11.09 -22.54
C LEU C 116 -9.68 -11.49 -23.98
N ILE C 117 -10.12 -12.70 -24.32
CA ILE C 117 -9.94 -13.23 -25.67
C ILE C 117 -11.08 -12.72 -26.55
N VAL C 118 -10.74 -12.17 -27.70
CA VAL C 118 -11.75 -11.65 -28.63
C VAL C 118 -11.71 -12.40 -29.96
N HIS C 119 -12.89 -12.58 -30.56
CA HIS C 119 -13.01 -13.29 -31.82
C HIS C 119 -13.63 -12.42 -32.92
N SER C 120 -14.41 -11.43 -32.52
CA SER C 120 -15.07 -10.53 -33.47
C SER C 120 -15.35 -9.17 -32.84
N PHE C 121 -14.92 -8.11 -33.51
CA PHE C 121 -15.14 -6.75 -33.04
C PHE C 121 -15.39 -5.75 -34.16
N LYS C 122 -16.50 -5.01 -34.03
CA LYS C 122 -16.90 -4.02 -35.02
C LYS C 122 -16.73 -2.59 -34.51
N PRO C 123 -16.02 -1.73 -35.27
CA PRO C 123 -15.78 -0.34 -34.90
C PRO C 123 -17.00 0.56 -35.12
N ASN C 124 -17.38 1.28 -34.08
CA ASN C 124 -18.50 2.21 -34.15
C ASN C 124 -17.91 3.61 -34.15
N LEU C 125 -18.04 4.30 -35.28
CA LEU C 125 -17.49 5.65 -35.45
C LEU C 125 -18.21 6.79 -34.71
N GLN C 126 -19.51 6.66 -34.52
CA GLN C 126 -20.28 7.71 -33.83
C GLN C 126 -20.05 7.73 -32.32
N GLU C 127 -18.77 7.71 -31.93
CA GLU C 127 -18.38 7.72 -30.53
C GLU C 127 -17.16 8.61 -30.31
N ARG C 128 -17.19 9.40 -29.24
CA ARG C 128 -16.11 10.32 -28.91
C ARG C 128 -15.56 10.00 -27.51
N LEU C 129 -14.88 10.98 -26.91
CA LEU C 129 -14.31 10.84 -25.56
C LEU C 129 -15.47 10.75 -24.57
N ASN C 130 -15.49 9.71 -23.75
CA ASN C 130 -16.58 9.54 -22.78
C ASN C 130 -16.30 8.84 -21.44
N PRO C 131 -15.02 8.50 -21.12
CA PRO C 131 -14.80 7.84 -19.83
C PRO C 131 -15.18 8.73 -18.64
N THR C 132 -15.94 8.16 -17.71
CA THR C 132 -16.41 8.88 -16.52
C THR C 132 -15.29 9.45 -15.67
N ARG C 133 -14.08 8.91 -15.84
CA ARG C 133 -12.91 9.34 -15.10
C ARG C 133 -11.68 8.81 -15.83
N TYR C 134 -10.49 9.21 -15.39
CA TYR C 134 -9.26 8.72 -16.01
C TYR C 134 -9.15 7.25 -15.59
N PRO C 135 -9.15 6.33 -16.56
CA PRO C 135 -9.05 4.89 -16.31
C PRO C 135 -7.77 4.43 -15.63
N VAL C 136 -7.92 3.46 -14.73
CA VAL C 136 -6.80 2.88 -14.00
C VAL C 136 -6.68 1.41 -14.34
N ASN C 137 -5.50 0.85 -14.11
CA ASN C 137 -5.25 -0.56 -14.39
C ASN C 137 -6.06 -1.40 -13.42
N LEU C 138 -6.92 -2.26 -13.97
CA LEU C 138 -7.78 -3.13 -13.15
C LEU C 138 -6.96 -3.98 -12.18
N PHE C 139 -5.77 -4.40 -12.62
CA PHE C 139 -4.90 -5.22 -11.80
C PHE C 139 -4.07 -4.41 -10.80
N ARG C 140 -4.45 -3.16 -10.59
CA ARG C 140 -3.79 -2.27 -9.65
C ARG C 140 -4.80 -1.76 -8.63
N ASP C 141 -6.06 -2.14 -8.83
CA ASP C 141 -7.16 -1.75 -7.95
C ASP C 141 -7.15 -2.50 -6.62
N ASP C 142 -7.48 -1.78 -5.54
CA ASP C 142 -7.50 -2.34 -4.20
C ASP C 142 -8.33 -3.62 -4.09
N GLU C 143 -9.65 -3.49 -4.24
CA GLU C 143 -10.56 -4.64 -4.15
C GLU C 143 -10.19 -5.82 -5.04
N PHE C 144 -9.85 -5.53 -6.30
CA PHE C 144 -9.49 -6.59 -7.23
C PHE C 144 -8.19 -7.29 -6.89
N LYS C 145 -7.22 -6.55 -6.36
CA LYS C 145 -5.94 -7.15 -5.97
C LYS C 145 -6.16 -8.11 -4.80
N THR C 146 -7.14 -7.78 -3.96
CA THR C 146 -7.48 -8.61 -2.80
C THR C 146 -8.30 -9.83 -3.25
N THR C 147 -9.08 -9.66 -4.32
CA THR C 147 -9.89 -10.75 -4.87
C THR C 147 -8.96 -11.86 -5.35
N ILE C 148 -7.80 -11.47 -5.85
CA ILE C 148 -6.79 -12.41 -6.34
C ILE C 148 -6.02 -13.02 -5.16
N GLN C 149 -5.82 -12.21 -4.12
CA GLN C 149 -5.11 -12.67 -2.93
C GLN C 149 -5.91 -13.79 -2.28
N HIS C 150 -7.23 -13.64 -2.29
CA HIS C 150 -8.14 -14.63 -1.73
C HIS C 150 -8.07 -15.92 -2.54
N PHE C 151 -7.98 -15.77 -3.86
CA PHE C 151 -7.89 -16.91 -4.77
C PHE C 151 -6.65 -17.75 -4.49
N ARG C 152 -5.51 -17.09 -4.32
CA ARG C 152 -4.25 -17.78 -4.05
C ARG C 152 -4.21 -18.32 -2.62
N HIS C 153 -4.93 -17.66 -1.72
CA HIS C 153 -5.00 -18.06 -0.31
C HIS C 153 -5.67 -19.41 -0.15
N THR C 154 -6.87 -19.54 -0.72
CA THR C 154 -7.64 -20.78 -0.63
C THR C 154 -6.98 -21.93 -1.41
N ALA C 155 -6.15 -21.57 -2.38
CA ALA C 155 -5.44 -22.56 -3.19
C ALA C 155 -4.19 -23.03 -2.46
N LEU C 156 -3.60 -22.12 -1.69
CA LEU C 156 -2.39 -22.41 -0.91
C LEU C 156 -2.79 -23.20 0.33
N GLN C 157 -3.89 -22.79 0.94
CA GLN C 157 -4.41 -23.42 2.14
C GLN C 157 -4.87 -24.85 1.86
N ALA C 158 -5.37 -25.07 0.65
CA ALA C 158 -5.84 -26.40 0.23
C ALA C 158 -4.65 -27.31 -0.07
N ALA C 159 -3.66 -26.78 -0.77
CA ALA C 159 -2.46 -27.52 -1.13
C ALA C 159 -1.57 -27.80 0.08
N ILE C 160 -1.74 -26.98 1.12
CA ILE C 160 -0.98 -27.11 2.35
C ILE C 160 -1.54 -28.24 3.23
N ASN C 161 -2.86 -28.28 3.36
CA ASN C 161 -3.52 -29.30 4.17
C ASN C 161 -3.40 -30.72 3.61
N LYS C 162 -2.92 -30.83 2.37
CA LYS C 162 -2.75 -32.14 1.74
C LYS C 162 -1.29 -32.56 1.71
N THR C 163 -0.39 -31.58 1.71
CA THR C 163 1.05 -31.83 1.67
C THR C 163 1.65 -32.06 3.05
N VAL C 164 1.44 -31.11 3.96
CA VAL C 164 1.95 -31.22 5.32
C VAL C 164 1.06 -32.16 6.12
N LYS C 165 1.60 -33.34 6.44
CA LYS C 165 0.85 -34.36 7.18
C LYS C 165 1.52 -34.79 8.48
N GLY C 166 0.73 -35.37 9.37
CA GLY C 166 1.25 -35.89 10.64
C GLY C 166 1.46 -35.00 11.85
N ASP C 167 1.22 -33.70 11.73
CA ASP C 167 1.42 -32.78 12.85
C ASP C 167 2.84 -32.89 13.42
N ASN C 168 3.82 -32.64 12.55
CA ASN C 168 5.23 -32.71 12.93
C ASN C 168 5.65 -31.48 13.74
N LEU C 169 5.41 -31.53 15.04
CA LEU C 169 5.75 -30.42 15.93
C LEU C 169 7.23 -30.42 16.30
N VAL C 170 7.76 -29.23 16.55
CA VAL C 170 9.17 -29.08 16.95
C VAL C 170 9.26 -29.63 18.36
N ASP C 171 10.26 -30.47 18.62
CA ASP C 171 10.43 -31.04 19.95
C ASP C 171 10.72 -29.90 20.93
N ILE C 172 9.90 -29.83 21.97
CA ILE C 172 10.01 -28.79 22.99
C ILE C 172 11.38 -28.72 23.66
N SER C 173 12.14 -29.81 23.62
CA SER C 173 13.46 -29.88 24.21
C SER C 173 14.44 -28.93 23.52
N LYS C 174 14.26 -28.76 22.21
CA LYS C 174 15.12 -27.89 21.41
C LYS C 174 14.90 -26.40 21.71
N VAL C 175 13.79 -26.10 22.37
CA VAL C 175 13.44 -24.72 22.71
C VAL C 175 13.59 -24.43 24.21
N ALA C 176 13.68 -25.49 25.02
CA ALA C 176 13.85 -25.35 26.47
C ALA C 176 15.33 -25.20 26.79
N ASP C 177 15.67 -24.16 27.56
CA ASP C 177 17.06 -23.87 27.95
C ASP C 177 17.90 -23.68 26.69
N ALA C 178 17.43 -22.79 25.82
CA ALA C 178 18.09 -22.49 24.55
C ALA C 178 19.53 -22.01 24.64
N ALA C 179 19.92 -21.46 25.78
CA ALA C 179 21.28 -20.94 26.00
C ALA C 179 22.41 -21.76 25.40
N GLY C 180 22.55 -23.00 25.84
CA GLY C 180 23.61 -23.86 25.33
C GLY C 180 23.42 -24.35 23.91
N LYS C 181 22.28 -24.02 23.32
CA LYS C 181 21.95 -24.45 21.96
C LYS C 181 21.95 -23.29 20.96
N LYS C 182 22.58 -23.53 19.81
CA LYS C 182 22.64 -22.53 18.75
C LYS C 182 22.17 -23.24 17.47
N GLY C 183 21.20 -22.63 16.79
CA GLY C 183 20.68 -23.25 15.58
C GLY C 183 20.52 -22.38 14.36
N LYS C 184 20.35 -23.03 13.22
CA LYS C 184 20.18 -22.35 11.94
C LYS C 184 18.69 -22.19 11.64
N VAL C 185 18.33 -20.97 11.23
CA VAL C 185 16.95 -20.62 10.91
C VAL C 185 16.26 -21.53 9.87
N ASP C 186 17.07 -22.19 9.03
CA ASP C 186 16.56 -23.10 7.99
C ASP C 186 15.49 -24.05 8.50
N ALA C 187 15.66 -24.52 9.73
CA ALA C 187 14.75 -25.47 10.38
C ALA C 187 13.28 -25.09 10.29
N GLY C 188 12.98 -23.79 10.39
CA GLY C 188 11.60 -23.32 10.33
C GLY C 188 10.92 -23.39 8.98
N ILE C 189 11.71 -23.44 7.91
CA ILE C 189 11.17 -23.49 6.55
C ILE C 189 10.51 -24.84 6.23
N VAL C 190 9.34 -24.77 5.59
CA VAL C 190 8.58 -25.96 5.22
C VAL C 190 7.94 -25.77 3.84
N LYS C 191 8.20 -26.69 2.93
CA LYS C 191 7.63 -26.63 1.58
C LYS C 191 6.11 -26.69 1.66
N ALA C 192 5.44 -25.82 0.90
CA ALA C 192 3.99 -25.73 0.91
C ALA C 192 3.23 -26.73 0.04
N SER C 193 3.88 -27.24 -1.01
CA SER C 193 3.23 -28.19 -1.91
C SER C 193 4.23 -28.95 -2.77
N ALA C 194 3.73 -29.55 -3.85
CA ALA C 194 4.55 -30.31 -4.78
C ALA C 194 5.50 -29.34 -5.47
N SER C 195 6.68 -29.19 -4.89
CA SER C 195 7.70 -28.29 -5.40
C SER C 195 8.26 -28.66 -6.77
N LYS C 196 8.23 -27.68 -7.67
CA LYS C 196 8.74 -27.83 -9.02
C LYS C 196 9.58 -26.58 -9.29
N GLY C 197 9.97 -25.93 -8.20
CA GLY C 197 10.76 -24.72 -8.24
C GLY C 197 10.44 -23.90 -7.01
N ASP C 198 10.83 -22.63 -7.01
CA ASP C 198 10.54 -21.75 -5.88
C ASP C 198 9.11 -21.24 -5.97
N GLU C 199 8.65 -21.05 -7.20
CA GLU C 199 7.31 -20.57 -7.49
C GLU C 199 6.21 -21.55 -7.09
N PHE C 200 5.25 -21.09 -6.27
CA PHE C 200 4.13 -21.93 -5.87
C PHE C 200 3.22 -21.99 -7.09
N SER C 201 2.87 -23.19 -7.52
CA SER C 201 2.03 -23.33 -8.71
C SER C 201 0.97 -24.43 -8.63
N ASP C 202 0.68 -24.92 -7.43
CA ASP C 202 -0.32 -25.96 -7.26
C ASP C 202 -1.73 -25.38 -7.33
N PHE C 203 -2.15 -25.03 -8.55
CA PHE C 203 -3.47 -24.46 -8.81
C PHE C 203 -4.34 -25.49 -9.53
N SER C 204 -5.65 -25.43 -9.29
CA SER C 204 -6.59 -26.38 -9.89
C SER C 204 -7.44 -25.82 -11.03
N PHE C 205 -6.97 -24.77 -11.69
CA PHE C 205 -7.73 -24.19 -12.81
C PHE C 205 -7.15 -24.58 -14.16
N LYS C 206 -8.03 -24.76 -15.14
CA LYS C 206 -7.60 -25.13 -16.49
C LYS C 206 -6.96 -23.90 -17.14
N GLU C 207 -5.63 -23.89 -17.20
CA GLU C 207 -4.87 -22.80 -17.79
C GLU C 207 -5.20 -22.56 -19.26
N GLY C 208 -5.26 -21.30 -19.65
CA GLY C 208 -5.57 -20.94 -21.02
C GLY C 208 -4.46 -21.25 -22.01
N ASN C 209 -4.82 -21.92 -23.10
CA ASN C 209 -3.86 -22.29 -24.13
C ASN C 209 -4.33 -21.93 -25.53
N THR C 210 -4.71 -20.68 -25.72
CA THR C 210 -5.17 -20.19 -27.02
C THR C 210 -4.15 -19.24 -27.62
N ALA C 211 -3.59 -19.63 -28.77
CA ALA C 211 -2.60 -18.83 -29.47
C ALA C 211 -3.15 -17.44 -29.77
N THR C 212 -2.39 -16.42 -29.39
CA THR C 212 -2.83 -15.04 -29.58
C THR C 212 -1.88 -14.19 -30.44
N LEU C 213 -2.43 -13.10 -30.97
CA LEU C 213 -1.68 -12.17 -31.81
C LEU C 213 -0.89 -11.19 -30.95
N LYS C 214 0.41 -11.10 -31.20
CA LYS C 214 1.25 -10.16 -30.45
C LYS C 214 1.05 -8.80 -31.13
N ILE C 215 0.74 -7.79 -30.33
CA ILE C 215 0.49 -6.43 -30.81
C ILE C 215 1.45 -5.93 -31.90
N ALA C 216 2.68 -6.42 -31.88
CA ALA C 216 3.69 -6.03 -32.87
C ALA C 216 3.32 -6.52 -34.26
N ASP C 217 2.75 -7.73 -34.33
CA ASP C 217 2.35 -8.33 -35.60
C ASP C 217 1.29 -7.52 -36.33
N ILE C 218 0.20 -7.21 -35.64
CA ILE C 218 -0.89 -6.42 -36.22
C ILE C 218 -0.51 -4.98 -36.58
N PHE C 219 0.73 -4.61 -36.27
CA PHE C 219 1.24 -3.28 -36.57
C PHE C 219 2.03 -3.35 -37.88
N VAL C 220 2.98 -4.27 -37.94
CA VAL C 220 3.81 -4.47 -39.11
C VAL C 220 2.99 -5.03 -40.27
N GLN C 221 1.99 -5.84 -39.93
CA GLN C 221 1.10 -6.46 -40.91
C GLN C 221 0.37 -5.38 -41.72
N GLU C 222 0.00 -4.29 -41.04
CA GLU C 222 -0.69 -3.18 -41.68
C GLU C 222 0.30 -2.09 -42.08
#